data_4BAE
#
_entry.id   4BAE
#
_cell.length_a   59.191
_cell.length_b   78.249
_cell.length_c   89.750
_cell.angle_alpha   90.00
_cell.angle_beta   90.01
_cell.angle_gamma   90.00
#
_symmetry.space_group_name_H-M   'P 1 21 1'
#
loop_
_entity.id
_entity.type
_entity.pdbx_description
1 polymer 'DNA GYRASE SUBUNIT B'
2 non-polymer 'CALCIUM ION'
3 non-polymer '2-[(3S,4R)-4-[(3-bromanyl-4-chloranyl-5-methyl-1H-pyrrol-2-yl)carbonylamino]-3-methoxy-piperidin-1-yl]-4-(2-methyl-1,2,4-triazol-3-yl)-1,3-thiazole-5-carboxylic acid'
4 non-polymer 'SULFATE ION'
5 water water
#
_entity_poly.entity_id   1
_entity_poly.type   'polypeptide(L)'
_entity_poly.pdbx_seq_one_letter_code
;MLEGLEAVRKRPGMYIGSTGERGLHHLIWEVVDNAVDEAMAGFATRVDVKIHADGSVEVRDDGRGIPVEMHATGMPTIDV
VMTQLHAGGKFDGETYAVSGGLHGVGVSVVNALSTRLEATVLRDGYEWFQYYDRSVPGKLKQGGETKETGTTIRFWADPE
IFETTDYNFETVARRLQEMAFLNKGLTIELTDERDGKHRVFHYPG
;
_entity_poly.pdbx_strand_id   A,B,C,D
#
# COMPACT_ATOMS: atom_id res chain seq x y z
N GLY A 4 29.80 -18.50 -0.88
CA GLY A 4 30.10 -17.08 -1.07
C GLY A 4 28.86 -16.20 -1.03
N LEU A 5 28.82 -15.19 -1.93
CA LEU A 5 27.70 -14.25 -2.07
C LEU A 5 26.56 -14.86 -2.90
N GLU A 6 26.74 -16.11 -3.41
CA GLU A 6 25.72 -16.81 -4.18
C GLU A 6 24.59 -17.20 -3.25
N ALA A 7 24.88 -17.28 -1.94
CA ALA A 7 23.92 -17.59 -0.88
C ALA A 7 22.93 -16.43 -0.75
N VAL A 8 23.44 -15.18 -0.78
CA VAL A 8 22.65 -13.93 -0.75
C VAL A 8 21.72 -13.87 -1.98
N ARG A 9 22.20 -14.32 -3.17
CA ARG A 9 21.46 -14.37 -4.45
C ARG A 9 20.42 -15.52 -4.49
N LYS A 10 20.75 -16.67 -3.89
CA LYS A 10 19.84 -17.81 -3.84
C LYS A 10 18.64 -17.49 -2.96
N ARG A 11 18.85 -16.85 -1.77
CA ARG A 11 17.81 -16.47 -0.77
C ARG A 11 17.94 -15.02 -0.36
N PRO A 12 17.59 -14.04 -1.23
CA PRO A 12 17.71 -12.63 -0.84
C PRO A 12 16.93 -12.22 0.42
N GLY A 13 15.76 -12.84 0.63
CA GLY A 13 14.89 -12.55 1.77
C GLY A 13 15.51 -12.74 3.14
N MET A 14 16.42 -13.70 3.25
CA MET A 14 17.18 -14.06 4.45
C MET A 14 18.22 -13.01 4.82
N TYR A 15 18.47 -12.07 3.90
CA TYR A 15 19.43 -10.97 4.03
C TYR A 15 18.79 -9.59 3.90
N ILE A 16 17.60 -9.48 3.24
CA ILE A 16 16.93 -8.18 3.06
C ILE A 16 15.43 -8.12 3.26
N GLY A 17 14.80 -9.25 3.49
CA GLY A 17 13.37 -9.32 3.78
C GLY A 17 12.51 -9.80 2.64
N SER A 18 12.47 -9.01 1.57
CA SER A 18 11.69 -9.29 0.35
C SER A 18 12.41 -8.81 -0.92
N THR A 19 11.82 -9.11 -2.10
CA THR A 19 12.32 -8.79 -3.45
C THR A 19 11.35 -7.87 -4.18
N GLY A 20 10.38 -7.37 -3.42
CA GLY A 20 9.42 -6.40 -3.91
C GLY A 20 9.93 -5.00 -3.67
N GLU A 21 9.00 -4.02 -3.62
CA GLU A 21 9.32 -2.61 -3.39
C GLU A 21 10.11 -2.35 -2.12
N ARG A 22 9.79 -3.07 -1.02
CA ARG A 22 10.44 -2.92 0.29
C ARG A 22 11.92 -3.38 0.28
N GLY A 23 12.15 -4.58 -0.25
CA GLY A 23 13.48 -5.14 -0.41
C GLY A 23 14.33 -4.28 -1.34
N LEU A 24 13.73 -3.72 -2.41
CA LEU A 24 14.46 -2.84 -3.35
C LEU A 24 14.92 -1.54 -2.63
N HIS A 25 14.02 -0.93 -1.87
CA HIS A 25 14.34 0.29 -1.12
C HIS A 25 15.29 0.04 0.03
N HIS A 26 15.34 -1.22 0.53
CA HIS A 26 16.25 -1.67 1.60
C HIS A 26 17.72 -1.51 1.18
N LEU A 27 18.00 -1.63 -0.14
CA LEU A 27 19.35 -1.46 -0.66
C LEU A 27 19.81 -0.04 -0.36
N ILE A 28 18.91 0.94 -0.51
CA ILE A 28 19.22 2.34 -0.20
C ILE A 28 19.43 2.47 1.31
N TRP A 29 18.54 1.91 2.15
CA TRP A 29 18.64 1.97 3.61
C TRP A 29 19.98 1.42 4.09
N GLU A 30 20.45 0.30 3.49
CA GLU A 30 21.72 -0.33 3.78
C GLU A 30 22.94 0.56 3.53
N VAL A 31 23.06 1.16 2.34
CA VAL A 31 24.16 2.05 1.98
C VAL A 31 24.16 3.33 2.81
N VAL A 32 22.99 3.97 2.94
CA VAL A 32 22.84 5.20 3.73
C VAL A 32 23.15 4.94 5.22
N ASP A 33 22.67 3.79 5.78
CA ASP A 33 22.92 3.40 7.18
C ASP A 33 24.40 3.38 7.54
N ASN A 34 25.24 2.89 6.61
CA ASN A 34 26.70 2.84 6.76
C ASN A 34 27.32 4.23 6.88
N ALA A 35 26.78 5.20 6.12
CA ALA A 35 27.19 6.61 6.11
C ALA A 35 26.70 7.35 7.38
N VAL A 36 25.46 7.04 7.88
CA VAL A 36 24.85 7.58 9.12
C VAL A 36 25.69 7.08 10.32
N ASP A 37 26.22 5.82 10.19
CA ASP A 37 27.10 5.20 11.16
C ASP A 37 28.43 5.98 11.21
N GLU A 38 28.97 6.41 10.03
CA GLU A 38 30.18 7.23 9.97
C GLU A 38 29.97 8.60 10.59
N ALA A 39 28.71 9.13 10.50
CA ALA A 39 28.28 10.39 11.14
C ALA A 39 28.17 10.19 12.65
N MET A 40 27.55 9.06 13.09
CA MET A 40 27.43 8.71 14.51
C MET A 40 28.82 8.51 15.15
N ALA A 41 29.80 8.03 14.35
CA ALA A 41 31.21 7.82 14.72
C ALA A 41 31.92 9.17 14.96
N GLY A 42 31.38 10.25 14.40
CA GLY A 42 31.90 11.61 14.53
C GLY A 42 32.79 12.08 13.41
N PHE A 43 32.64 11.52 12.19
CA PHE A 43 33.45 11.88 11.02
C PHE A 43 32.66 12.52 9.88
N ALA A 44 31.58 11.87 9.45
CA ALA A 44 30.74 12.41 8.37
C ALA A 44 29.77 13.44 8.93
N THR A 45 29.42 14.45 8.10
CA THR A 45 28.50 15.55 8.47
C THR A 45 27.31 15.60 7.50
N ARG A 46 27.46 14.97 6.31
CA ARG A 46 26.45 14.95 5.25
C ARG A 46 26.42 13.68 4.42
N VAL A 47 25.25 13.41 3.84
CA VAL A 47 24.95 12.27 2.98
C VAL A 47 24.23 12.82 1.73
N ASP A 48 24.75 12.53 0.56
CA ASP A 48 24.15 12.96 -0.71
C ASP A 48 23.61 11.70 -1.39
N VAL A 49 22.31 11.68 -1.72
CA VAL A 49 21.67 10.54 -2.34
C VAL A 49 21.15 10.99 -3.69
N LYS A 50 21.50 10.24 -4.76
CA LYS A 50 21.08 10.59 -6.10
C LYS A 50 20.43 9.39 -6.77
N ILE A 51 19.15 9.52 -7.18
CA ILE A 51 18.40 8.51 -7.95
C ILE A 51 18.60 8.90 -9.42
N HIS A 52 19.51 8.19 -10.10
CA HIS A 52 19.83 8.44 -11.50
C HIS A 52 18.75 7.88 -12.43
N ALA A 53 18.67 8.44 -13.66
CA ALA A 53 17.70 8.02 -14.68
C ALA A 53 17.98 6.62 -15.26
N ASP A 54 19.24 6.13 -15.11
CA ASP A 54 19.67 4.80 -15.60
C ASP A 54 19.26 3.60 -14.69
N GLY A 55 18.64 3.89 -13.55
CA GLY A 55 18.21 2.87 -12.61
C GLY A 55 19.15 2.66 -11.43
N SER A 56 20.29 3.39 -11.40
CA SER A 56 21.24 3.33 -10.29
C SER A 56 20.90 4.37 -9.21
N VAL A 57 21.50 4.20 -8.02
CA VAL A 57 21.39 5.06 -6.84
C VAL A 57 22.82 5.30 -6.39
N GLU A 58 23.17 6.56 -6.15
CA GLU A 58 24.49 6.97 -5.70
C GLU A 58 24.36 7.58 -4.33
N VAL A 59 25.21 7.17 -3.39
CA VAL A 59 25.22 7.66 -2.02
C VAL A 59 26.66 8.07 -1.75
N ARG A 60 26.84 9.35 -1.43
CA ARG A 60 28.15 9.93 -1.13
C ARG A 60 28.11 10.49 0.28
N ASP A 61 29.21 10.33 1.02
CA ASP A 61 29.36 10.90 2.36
C ASP A 61 30.72 11.63 2.43
N ASP A 62 30.97 12.41 3.50
CA ASP A 62 32.24 13.12 3.71
C ASP A 62 33.01 12.53 4.91
N GLY A 63 32.81 11.23 5.14
CA GLY A 63 33.45 10.48 6.21
C GLY A 63 34.92 10.19 5.94
N ARG A 64 35.51 9.29 6.74
CA ARG A 64 36.93 8.88 6.64
C ARG A 64 37.26 8.19 5.30
N GLY A 65 36.25 7.55 4.70
CA GLY A 65 36.39 6.78 3.47
C GLY A 65 36.74 5.34 3.80
N ILE A 66 36.10 4.36 3.12
CA ILE A 66 36.37 2.92 3.34
C ILE A 66 37.87 2.65 3.09
N PRO A 67 38.63 2.02 4.04
CA PRO A 67 40.05 1.75 3.80
C PRO A 67 40.34 0.99 2.50
N VAL A 68 41.34 1.46 1.75
CA VAL A 68 41.75 0.90 0.46
C VAL A 68 42.93 -0.06 0.58
N GLU A 69 43.82 0.20 1.58
CA GLU A 69 45.04 -0.54 1.89
C GLU A 69 44.82 -2.05 1.92
N MET A 70 45.82 -2.81 1.44
CA MET A 70 45.81 -4.28 1.37
C MET A 70 45.51 -4.89 2.74
N HIS A 71 44.34 -5.55 2.87
CA HIS A 71 43.87 -6.20 4.09
C HIS A 71 44.79 -7.37 4.48
N ALA A 72 44.78 -7.76 5.78
CA ALA A 72 45.57 -8.86 6.33
C ALA A 72 45.30 -10.21 5.64
N THR A 73 44.10 -10.35 5.02
CA THR A 73 43.66 -11.57 4.34
C THR A 73 43.45 -11.41 2.81
N GLY A 74 44.55 -11.24 2.07
CA GLY A 74 44.55 -11.15 0.61
C GLY A 74 44.26 -9.79 -0.02
N MET A 75 43.09 -9.68 -0.70
CA MET A 75 42.60 -8.50 -1.45
C MET A 75 42.35 -7.20 -0.63
N PRO A 76 42.15 -6.00 -1.27
CA PRO A 76 41.97 -4.75 -0.51
C PRO A 76 40.84 -4.72 0.52
N THR A 77 40.97 -3.84 1.54
CA THR A 77 39.97 -3.69 2.61
C THR A 77 38.55 -3.44 2.06
N ILE A 78 38.43 -2.67 0.93
CA ILE A 78 37.17 -2.40 0.24
C ILE A 78 36.60 -3.69 -0.40
N ASP A 79 37.48 -4.51 -1.05
CA ASP A 79 37.11 -5.78 -1.67
C ASP A 79 36.57 -6.74 -0.62
N VAL A 80 37.10 -6.66 0.62
CA VAL A 80 36.67 -7.46 1.77
C VAL A 80 35.25 -7.01 2.14
N VAL A 81 35.09 -5.69 2.37
CA VAL A 81 33.82 -5.04 2.73
C VAL A 81 32.74 -5.45 1.73
N MET A 82 33.05 -5.29 0.43
CA MET A 82 32.14 -5.55 -0.70
C MET A 82 31.90 -7.00 -1.08
N THR A 83 32.78 -7.94 -0.69
CA THR A 83 32.63 -9.35 -1.13
C THR A 83 32.42 -10.41 -0.03
N GLN A 84 32.89 -10.16 1.20
CA GLN A 84 32.75 -11.13 2.28
C GLN A 84 31.50 -10.88 3.14
N LEU A 85 30.72 -11.95 3.43
CA LEU A 85 29.49 -11.88 4.25
C LEU A 85 29.78 -12.32 5.70
N HIS A 103 31.89 -4.50 10.99
CA HIS A 103 30.88 -4.75 12.03
C HIS A 103 29.45 -4.71 11.42
N GLY A 104 28.63 -3.70 11.79
CA GLY A 104 27.28 -3.48 11.26
C GLY A 104 27.27 -2.94 9.83
N VAL A 105 28.24 -3.43 9.01
CA VAL A 105 28.45 -3.10 7.60
C VAL A 105 28.01 -4.34 6.78
N GLY A 106 26.96 -4.15 5.97
CA GLY A 106 26.37 -5.21 5.13
C GLY A 106 26.18 -4.82 3.68
N VAL A 107 27.08 -3.99 3.12
CA VAL A 107 27.13 -3.53 1.72
C VAL A 107 27.32 -4.69 0.75
N SER A 108 27.98 -5.78 1.22
CA SER A 108 28.26 -6.93 0.37
C SER A 108 26.94 -7.54 -0.16
N VAL A 109 25.83 -7.35 0.58
CA VAL A 109 24.47 -7.76 0.20
C VAL A 109 23.99 -6.93 -1.01
N VAL A 110 24.24 -5.61 -0.97
CA VAL A 110 23.90 -4.64 -2.04
C VAL A 110 24.72 -5.03 -3.28
N ASN A 111 25.99 -5.37 -3.10
CA ASN A 111 26.86 -5.81 -4.17
C ASN A 111 26.33 -7.08 -4.80
N ALA A 112 26.01 -8.08 -3.95
CA ALA A 112 25.48 -9.39 -4.33
C ALA A 112 24.16 -9.27 -5.14
N LEU A 113 23.31 -8.30 -4.80
CA LEU A 113 22.01 -8.11 -5.47
C LEU A 113 22.00 -7.03 -6.56
N SER A 114 23.20 -6.60 -6.99
CA SER A 114 23.39 -5.60 -8.01
C SER A 114 24.20 -6.16 -9.15
N THR A 115 23.83 -5.77 -10.40
CA THR A 115 24.48 -6.19 -11.65
C THR A 115 25.84 -5.51 -11.77
N ARG A 116 25.95 -4.34 -11.09
CA ARG A 116 27.11 -3.45 -11.06
C ARG A 116 27.07 -2.61 -9.80
N LEU A 117 28.26 -2.28 -9.29
CA LEU A 117 28.48 -1.42 -8.13
C LEU A 117 29.80 -0.72 -8.35
N GLU A 118 29.82 0.60 -8.14
CA GLU A 118 31.01 1.41 -8.26
C GLU A 118 31.30 2.09 -6.92
N ALA A 119 32.54 1.94 -6.44
CA ALA A 119 32.99 2.57 -5.21
C ALA A 119 34.06 3.61 -5.51
N THR A 120 33.82 4.86 -5.11
CA THR A 120 34.80 5.92 -5.26
C THR A 120 35.14 6.36 -3.85
N VAL A 121 36.41 6.20 -3.46
CA VAL A 121 36.87 6.51 -2.10
C VAL A 121 37.97 7.57 -2.13
N LEU A 122 37.83 8.59 -1.27
CA LEU A 122 38.74 9.72 -1.14
C LEU A 122 39.46 9.58 0.21
N ARG A 123 40.74 9.17 0.17
CA ARG A 123 41.60 9.00 1.35
C ARG A 123 43.08 8.78 0.99
N ASP A 124 43.99 8.99 1.96
CA ASP A 124 45.44 8.83 1.83
C ASP A 124 46.05 9.73 0.72
N GLY A 125 45.49 10.95 0.62
CA GLY A 125 45.89 12.01 -0.30
C GLY A 125 45.50 11.86 -1.75
N TYR A 126 44.72 10.81 -2.09
CA TYR A 126 44.29 10.51 -3.46
C TYR A 126 42.83 10.04 -3.59
N GLU A 127 42.32 10.05 -4.84
CA GLU A 127 40.99 9.56 -5.20
C GLU A 127 41.18 8.11 -5.67
N TRP A 128 40.33 7.19 -5.20
CA TRP A 128 40.43 5.75 -5.49
C TRP A 128 39.17 5.23 -6.17
N PHE A 129 39.33 4.43 -7.25
CA PHE A 129 38.20 3.84 -7.95
C PHE A 129 38.20 2.32 -7.84
N GLN A 130 37.01 1.73 -7.59
CA GLN A 130 36.81 0.29 -7.47
C GLN A 130 35.40 -0.12 -7.89
N TYR A 131 35.31 -0.83 -9.00
CA TYR A 131 34.03 -1.32 -9.52
C TYR A 131 33.89 -2.85 -9.37
N TYR A 132 32.64 -3.33 -9.48
CA TYR A 132 32.30 -4.74 -9.37
C TYR A 132 31.32 -5.12 -10.47
N ASP A 133 31.60 -6.23 -11.19
CA ASP A 133 30.70 -6.70 -12.23
C ASP A 133 30.06 -7.92 -11.66
N ARG A 134 28.76 -7.83 -11.34
CA ARG A 134 28.00 -8.91 -10.71
C ARG A 134 28.81 -9.40 -9.49
N SER A 135 29.25 -8.43 -8.67
CA SER A 135 30.02 -8.60 -7.42
C SER A 135 31.52 -8.95 -7.62
N VAL A 136 31.95 -9.18 -8.87
CA VAL A 136 33.34 -9.50 -9.18
C VAL A 136 34.18 -8.22 -9.31
N PRO A 137 35.21 -8.06 -8.46
CA PRO A 137 36.00 -6.82 -8.49
C PRO A 137 36.86 -6.63 -9.72
N GLY A 138 37.05 -5.37 -10.05
CA GLY A 138 37.97 -4.95 -11.10
C GLY A 138 39.28 -4.63 -10.43
N LYS A 139 40.12 -3.81 -11.07
CA LYS A 139 41.37 -3.39 -10.44
C LYS A 139 41.06 -2.15 -9.60
N LEU A 140 41.88 -1.88 -8.57
CA LEU A 140 41.70 -0.67 -7.77
C LEU A 140 42.53 0.43 -8.45
N LYS A 141 41.86 1.37 -9.14
CA LYS A 141 42.53 2.42 -9.88
C LYS A 141 42.71 3.69 -9.05
N GLN A 142 43.97 4.02 -8.73
CA GLN A 142 44.34 5.21 -7.97
C GLN A 142 44.50 6.35 -8.98
N GLY A 143 44.07 7.55 -8.62
CA GLY A 143 44.24 8.66 -9.55
C GLY A 143 43.73 9.98 -9.07
N GLY A 144 44.52 11.01 -9.24
CA GLY A 144 44.14 12.36 -8.85
C GLY A 144 44.27 12.56 -7.35
N GLU A 145 45.12 13.51 -6.96
CA GLU A 145 45.39 13.84 -5.58
C GLU A 145 44.27 14.70 -5.00
N THR A 146 43.88 14.42 -3.76
CA THR A 146 42.84 15.16 -3.06
C THR A 146 43.02 15.17 -1.54
N LYS A 147 42.82 16.36 -0.95
CA LYS A 147 42.87 16.61 0.48
C LYS A 147 41.55 16.12 1.12
N GLU A 148 40.46 16.09 0.32
CA GLU A 148 39.12 15.68 0.74
C GLU A 148 39.04 14.18 1.10
N THR A 149 38.02 13.81 1.90
CA THR A 149 37.72 12.43 2.36
C THR A 149 36.24 12.11 2.11
N GLY A 150 35.95 10.81 1.98
CA GLY A 150 34.59 10.34 1.76
C GLY A 150 34.44 9.04 1.00
N THR A 151 33.20 8.49 1.01
CA THR A 151 32.86 7.26 0.30
C THR A 151 31.70 7.51 -0.64
N THR A 152 31.84 7.10 -1.89
CA THR A 152 30.78 7.17 -2.90
C THR A 152 30.45 5.74 -3.31
N ILE A 153 29.15 5.39 -3.29
CA ILE A 153 28.68 4.08 -3.71
C ILE A 153 27.55 4.27 -4.71
N ARG A 154 27.74 3.69 -5.91
CA ARG A 154 26.75 3.70 -6.96
C ARG A 154 26.44 2.24 -7.30
N PHE A 155 25.17 1.86 -7.21
CA PHE A 155 24.80 0.47 -7.48
C PHE A 155 23.60 0.40 -8.39
N TRP A 156 23.58 -0.65 -9.22
CA TRP A 156 22.51 -0.95 -10.15
C TRP A 156 21.82 -2.22 -9.65
N ALA A 157 20.66 -2.07 -9.00
CA ALA A 157 19.88 -3.20 -8.46
C ALA A 157 19.54 -4.18 -9.59
N ASP A 158 19.61 -5.50 -9.32
CA ASP A 158 19.39 -6.57 -10.31
C ASP A 158 17.92 -6.81 -10.70
N PRO A 159 17.53 -6.54 -11.97
CA PRO A 159 16.12 -6.75 -12.39
C PRO A 159 15.63 -8.18 -12.35
N GLU A 160 16.55 -9.16 -12.36
CA GLU A 160 16.23 -10.57 -12.28
C GLU A 160 15.82 -10.93 -10.84
N ILE A 161 16.51 -10.37 -9.82
CA ILE A 161 16.24 -10.56 -8.38
C ILE A 161 14.94 -9.83 -7.99
N PHE A 162 14.87 -8.52 -8.33
CA PHE A 162 13.78 -7.63 -7.94
C PHE A 162 12.54 -7.61 -8.83
N GLU A 163 11.35 -7.66 -8.18
CA GLU A 163 10.00 -7.60 -8.76
C GLU A 163 9.85 -6.28 -9.50
N THR A 164 10.50 -5.23 -8.97
CA THR A 164 10.54 -3.87 -9.50
C THR A 164 11.87 -3.18 -9.18
N THR A 165 12.39 -2.41 -10.15
CA THR A 165 13.64 -1.67 -9.99
C THR A 165 13.40 -0.15 -10.12
N ASP A 166 12.12 0.27 -9.95
CA ASP A 166 11.71 1.67 -10.01
C ASP A 166 11.57 2.21 -8.59
N TYR A 167 12.49 3.08 -8.20
CA TYR A 167 12.49 3.74 -6.89
C TYR A 167 11.44 4.79 -6.81
N ASN A 168 10.77 4.86 -5.65
CA ASN A 168 9.74 5.86 -5.40
C ASN A 168 10.39 7.04 -4.67
N PHE A 169 10.36 8.22 -5.28
CA PHE A 169 10.90 9.44 -4.69
C PHE A 169 10.30 9.73 -3.29
N GLU A 170 8.96 9.70 -3.16
CA GLU A 170 8.30 9.97 -1.88
C GLU A 170 8.73 9.05 -0.74
N THR A 171 8.98 7.76 -1.06
CA THR A 171 9.45 6.73 -0.13
C THR A 171 10.85 7.08 0.39
N VAL A 172 11.80 7.35 -0.52
CA VAL A 172 13.17 7.71 -0.19
C VAL A 172 13.22 9.01 0.63
N ALA A 173 12.44 10.04 0.20
CA ALA A 173 12.36 11.32 0.89
C ALA A 173 11.84 11.19 2.32
N ARG A 174 10.72 10.44 2.56
CA ARG A 174 10.16 10.28 3.92
C ARG A 174 11.16 9.58 4.84
N ARG A 175 11.87 8.56 4.33
CA ARG A 175 12.87 7.83 5.10
C ARG A 175 14.13 8.62 5.41
N LEU A 176 14.65 9.34 4.43
CA LEU A 176 15.81 10.23 4.57
C LEU A 176 15.46 11.39 5.46
N GLN A 177 14.19 11.85 5.46
CA GLN A 177 13.77 12.89 6.41
C GLN A 177 13.81 12.35 7.85
N GLU A 178 13.27 11.13 8.08
CA GLU A 178 13.27 10.47 9.39
C GLU A 178 14.69 10.38 9.93
N MET A 179 15.64 9.93 9.07
CA MET A 179 17.07 9.74 9.39
C MET A 179 17.72 11.04 9.85
N ALA A 180 17.30 12.15 9.24
CA ALA A 180 17.74 13.52 9.54
C ALA A 180 17.15 13.98 10.89
N PHE A 181 15.94 13.49 11.26
CA PHE A 181 15.30 13.79 12.56
C PHE A 181 15.93 12.97 13.68
N LEU A 182 16.38 11.75 13.35
CA LEU A 182 16.99 10.80 14.30
C LEU A 182 18.45 11.10 14.57
N ASN A 183 19.07 11.86 13.69
CA ASN A 183 20.46 12.24 13.77
C ASN A 183 20.54 13.75 13.54
N LYS A 184 19.93 14.51 14.47
CA LYS A 184 19.84 15.98 14.42
C LYS A 184 21.21 16.65 14.19
N GLY A 185 21.28 17.49 13.16
CA GLY A 185 22.52 18.17 12.77
C GLY A 185 23.15 17.61 11.50
N LEU A 186 22.79 16.36 11.12
CA LEU A 186 23.31 15.70 9.92
C LEU A 186 22.53 16.26 8.75
N THR A 187 23.20 16.50 7.61
CA THR A 187 22.54 16.98 6.41
C THR A 187 22.34 15.80 5.49
N ILE A 188 21.12 15.62 4.99
CA ILE A 188 20.87 14.56 4.02
C ILE A 188 20.24 15.23 2.80
N GLU A 189 20.92 15.13 1.67
CA GLU A 189 20.43 15.71 0.45
C GLU A 189 19.97 14.60 -0.51
N LEU A 190 18.82 14.83 -1.18
CA LEU A 190 18.23 13.90 -2.13
C LEU A 190 17.92 14.60 -3.44
N THR A 191 18.38 13.99 -4.56
CA THR A 191 18.10 14.46 -5.91
C THR A 191 17.61 13.29 -6.74
N ASP A 192 16.46 13.49 -7.41
CA ASP A 192 15.90 12.48 -8.29
C ASP A 192 16.13 13.01 -9.67
N GLU A 193 17.04 12.36 -10.40
CA GLU A 193 17.38 12.83 -11.74
C GLU A 193 16.39 12.47 -12.83
N ARG A 194 15.32 11.72 -12.49
CA ARG A 194 14.29 11.34 -13.47
C ARG A 194 13.25 12.41 -13.81
N ASP A 195 12.82 13.23 -12.85
CA ASP A 195 11.79 14.25 -13.08
C ASP A 195 12.31 15.68 -13.21
N GLY A 196 14.71 15.93 -11.64
CA GLY A 196 15.06 17.24 -11.11
C GLY A 196 14.46 17.57 -9.76
N LYS A 197 13.73 16.61 -9.14
CA LYS A 197 13.13 16.80 -7.82
C LYS A 197 14.28 16.82 -6.82
N HIS A 198 14.24 17.73 -5.85
CA HIS A 198 15.34 17.97 -4.92
C HIS A 198 14.84 18.28 -3.55
N ARG A 199 15.52 17.72 -2.53
CA ARG A 199 15.19 17.85 -1.14
C ARG A 199 16.44 17.97 -0.28
N VAL A 200 16.38 18.82 0.78
CA VAL A 200 17.47 18.99 1.74
C VAL A 200 16.87 18.80 3.12
N PHE A 201 17.41 17.86 3.89
CA PHE A 201 16.96 17.53 5.23
C PHE A 201 18.07 17.75 6.22
N HIS A 202 17.91 18.80 7.03
CA HIS A 202 18.83 19.21 8.07
C HIS A 202 18.01 19.85 9.17
N TYR A 203 18.16 19.35 10.40
CA TYR A 203 17.38 19.86 11.53
C TYR A 203 18.19 20.11 12.82
N PRO A 204 17.97 21.29 13.48
CA PRO A 204 18.61 21.60 14.78
C PRO A 204 19.50 20.61 15.50
N GLY B 4 11.72 26.24 25.92
CA GLY B 4 12.00 24.86 26.28
C GLY B 4 11.39 23.84 25.34
N LEU B 5 10.72 22.80 25.91
CA LEU B 5 10.05 21.74 25.16
C LEU B 5 8.68 22.16 24.65
N GLU B 6 8.23 23.38 24.98
CA GLU B 6 6.96 23.93 24.52
C GLU B 6 7.06 24.21 23.03
N ALA B 7 8.31 24.37 22.52
CA ALA B 7 8.62 24.60 21.12
C ALA B 7 8.29 23.35 20.32
N VAL B 8 8.60 22.16 20.88
CA VAL B 8 8.30 20.86 20.25
C VAL B 8 6.79 20.67 20.20
N ARG B 9 6.07 21.08 21.25
CA ARG B 9 4.60 21.00 21.34
C ARG B 9 3.89 22.02 20.39
N LYS B 10 4.50 23.21 20.21
CA LYS B 10 3.93 24.25 19.36
C LYS B 10 4.02 23.85 17.90
N ARG B 11 5.19 23.32 17.44
CA ARG B 11 5.45 22.89 16.06
C ARG B 11 6.10 21.50 16.00
N PRO B 12 5.34 20.40 16.28
CA PRO B 12 5.95 19.07 16.26
C PRO B 12 6.51 18.55 14.92
N GLY B 13 6.06 19.15 13.82
CA GLY B 13 6.49 18.78 12.47
C GLY B 13 7.97 19.02 12.23
N MET B 14 8.50 20.07 12.89
CA MET B 14 9.88 20.53 12.82
C MET B 14 10.88 19.63 13.57
N TYR B 15 10.35 18.69 14.36
CA TYR B 15 11.13 17.75 15.18
C TYR B 15 10.79 16.32 14.87
N ILE B 16 9.56 16.07 14.38
CA ILE B 16 9.00 14.72 14.14
C ILE B 16 8.50 14.43 12.72
N GLY B 17 8.14 15.46 11.98
CA GLY B 17 7.66 15.33 10.60
C GLY B 17 6.21 15.64 10.41
N SER B 18 5.33 14.86 11.06
CA SER B 18 3.87 14.98 11.02
C SER B 18 3.24 14.55 12.36
N THR B 19 1.90 14.70 12.47
CA THR B 19 1.11 14.37 13.67
C THR B 19 0.10 13.26 13.34
N GLY B 20 0.26 12.69 12.15
CA GLY B 20 -0.53 11.56 11.68
C GLY B 20 0.17 10.28 12.06
N GLU B 21 -0.22 9.15 11.42
CA GLU B 21 0.38 7.84 11.70
C GLU B 21 1.90 7.74 11.58
N ARG B 22 2.50 8.51 10.66
CA ARG B 22 3.97 8.52 10.49
C ARG B 22 4.68 9.19 11.67
N GLY B 23 4.16 10.33 12.14
CA GLY B 23 4.73 11.05 13.27
C GLY B 23 4.60 10.24 14.54
N LEU B 24 3.42 9.62 14.76
CA LEU B 24 3.15 8.72 15.89
C LEU B 24 4.18 7.56 15.93
N HIS B 25 4.39 6.88 14.79
CA HIS B 25 5.36 5.78 14.69
C HIS B 25 6.80 6.22 14.87
N HIS B 26 7.09 7.48 14.52
CA HIS B 26 8.41 8.10 14.65
C HIS B 26 8.90 8.12 16.10
N LEU B 27 7.96 8.23 17.07
CA LEU B 27 8.24 8.17 18.50
C LEU B 27 8.91 6.85 18.85
N ILE B 28 8.43 5.74 18.22
CA ILE B 28 9.00 4.40 18.38
C ILE B 28 10.38 4.37 17.75
N TRP B 29 10.54 4.90 16.49
CA TRP B 29 11.82 4.91 15.79
C TRP B 29 12.88 5.65 16.60
N GLU B 30 12.49 6.77 17.22
CA GLU B 30 13.37 7.58 18.06
C GLU B 30 13.93 6.86 19.27
N VAL B 31 13.06 6.20 20.08
CA VAL B 31 13.46 5.44 21.27
C VAL B 31 14.32 4.24 20.90
N VAL B 32 13.87 3.45 19.92
CA VAL B 32 14.58 2.25 19.44
C VAL B 32 15.97 2.64 18.88
N ASP B 33 16.04 3.75 18.08
CA ASP B 33 17.29 4.23 17.47
C ASP B 33 18.39 4.48 18.50
N ASN B 34 18.01 5.03 19.66
CA ASN B 34 18.92 5.30 20.78
C ASN B 34 19.53 4.02 21.36
N ALA B 35 18.72 2.93 21.40
CA ALA B 35 19.10 1.59 21.87
C ALA B 35 19.99 0.89 20.84
N VAL B 36 19.69 1.02 19.52
CA VAL B 36 20.46 0.48 18.38
C VAL B 36 21.85 1.15 18.39
N ASP B 37 21.90 2.46 18.75
CA ASP B 37 23.10 3.26 18.91
C ASP B 37 23.95 2.68 20.06
N GLU B 38 23.31 2.26 21.18
CA GLU B 38 24.01 1.61 22.30
C GLU B 38 24.58 0.25 21.90
N ALA B 39 23.88 -0.44 20.96
CA ALA B 39 24.32 -1.72 20.37
C ALA B 39 25.49 -1.46 19.42
N MET B 40 25.40 -0.40 18.57
CA MET B 40 26.50 0.01 17.66
C MET B 40 27.75 0.42 18.45
N ALA B 41 27.56 0.97 19.67
CA ALA B 41 28.60 1.38 20.61
C ALA B 41 29.35 0.16 21.19
N GLY B 42 28.72 -1.01 21.13
CA GLY B 42 29.26 -2.27 21.59
C GLY B 42 28.85 -2.69 22.98
N PHE B 43 27.68 -2.21 23.47
CA PHE B 43 27.19 -2.52 24.82
C PHE B 43 25.89 -3.33 24.82
N ALA B 44 24.86 -2.85 24.11
CA ALA B 44 23.58 -3.57 24.05
C ALA B 44 23.66 -4.68 23.01
N THR B 45 22.91 -5.77 23.24
CA THR B 45 22.85 -6.95 22.36
C THR B 45 21.40 -7.21 21.90
N ARG B 46 20.43 -6.64 22.63
CA ARG B 46 18.99 -6.81 22.36
C ARG B 46 18.13 -5.63 22.70
N VAL B 47 16.98 -5.54 22.00
CA VAL B 47 15.97 -4.51 22.14
C VAL B 47 14.61 -5.24 22.25
N ASP B 48 13.87 -4.95 23.31
CA ASP B 48 12.55 -5.53 23.53
C ASP B 48 11.54 -4.41 23.37
N VAL B 49 10.58 -4.57 22.44
CA VAL B 49 9.57 -3.54 22.17
C VAL B 49 8.23 -4.13 22.50
N LYS B 50 7.43 -3.42 23.33
CA LYS B 50 6.14 -3.92 23.75
C LYS B 50 5.09 -2.87 23.50
N ILE B 51 4.07 -3.19 22.67
CA ILE B 51 2.91 -2.33 22.41
C ILE B 51 1.84 -2.77 23.44
N HIS B 52 1.68 -2.01 24.52
CA HIS B 52 0.70 -2.32 25.58
C HIS B 52 -0.72 -1.90 25.17
N ALA B 53 -1.72 -2.58 25.73
CA ALA B 53 -3.14 -2.34 25.47
C ALA B 53 -3.61 -0.94 25.92
N ASP B 54 -2.91 -0.32 26.90
CA ASP B 54 -3.22 1.00 27.45
C ASP B 54 -2.84 2.20 26.53
N GLY B 55 -2.19 1.93 25.42
CA GLY B 55 -1.76 2.95 24.46
C GLY B 55 -0.30 3.34 24.56
N SER B 56 0.43 2.76 25.55
CA SER B 56 1.85 3.02 25.72
C SER B 56 2.71 1.99 24.91
N VAL B 57 4.00 2.33 24.71
CA VAL B 57 5.02 1.55 24.03
C VAL B 57 6.21 1.53 24.98
N GLU B 58 6.72 0.34 25.25
CA GLU B 58 7.86 0.14 26.14
C GLU B 58 9.01 -0.41 25.30
N VAL B 59 10.19 0.15 25.48
CA VAL B 59 11.40 -0.26 24.76
C VAL B 59 12.45 -0.44 25.85
N ARG B 60 12.96 -1.67 25.94
CA ARG B 60 13.98 -2.05 26.89
C ARG B 60 15.21 -2.51 26.11
N ASP B 61 16.40 -2.15 26.59
CA ASP B 61 17.66 -2.60 26.04
C ASP B 61 18.53 -3.15 27.20
N ASP B 62 19.65 -3.83 26.88
CA ASP B 62 20.58 -4.35 27.89
C ASP B 62 21.93 -3.59 27.83
N GLY B 63 21.86 -2.32 27.44
CA GLY B 63 23.01 -1.43 27.33
C GLY B 63 23.54 -0.97 28.66
N ARG B 64 24.43 0.06 28.65
CA ARG B 64 25.04 0.62 29.87
C ARG B 64 24.03 1.27 30.81
N GLY B 65 22.91 1.73 30.25
CA GLY B 65 21.87 2.44 30.98
C GLY B 65 22.15 3.93 31.00
N ILE B 66 21.12 4.78 30.76
CA ILE B 66 21.28 6.26 30.77
C ILE B 66 21.86 6.71 32.13
N PRO B 67 22.98 7.49 32.17
CA PRO B 67 23.54 7.91 33.46
C PRO B 67 22.54 8.63 34.38
N VAL B 68 22.55 8.27 35.67
CA VAL B 68 21.66 8.83 36.68
C VAL B 68 22.30 9.96 37.51
N GLU B 69 23.67 10.02 37.54
CA GLU B 69 24.49 11.00 38.27
C GLU B 69 24.16 12.44 37.89
N MET B 70 24.24 13.36 38.87
CA MET B 70 23.94 14.78 38.67
C MET B 70 24.88 15.44 37.68
N HIS B 71 24.30 16.05 36.65
CA HIS B 71 24.99 16.75 35.60
C HIS B 71 25.44 18.13 36.09
N ALA B 72 26.33 18.79 35.32
CA ALA B 72 26.85 20.14 35.61
C ALA B 72 25.71 21.19 35.60
N THR B 73 24.60 20.89 34.90
CA THR B 73 23.40 21.72 34.77
C THR B 73 22.49 21.69 36.04
N GLY B 74 23.01 21.09 37.12
CA GLY B 74 22.33 20.99 38.40
C GLY B 74 21.05 20.17 38.42
N MET B 75 21.05 19.05 37.67
CA MET B 75 19.93 18.09 37.57
C MET B 75 20.43 16.73 37.11
N PRO B 76 19.75 15.59 37.45
CA PRO B 76 20.24 14.27 36.97
C PRO B 76 20.40 14.21 35.45
N THR B 77 21.45 13.50 34.97
CA THR B 77 21.78 13.32 33.55
C THR B 77 20.55 12.84 32.74
N ILE B 78 19.75 11.92 33.33
CA ILE B 78 18.53 11.38 32.74
C ILE B 78 17.53 12.53 32.49
N ASP B 79 17.36 13.45 33.46
CA ASP B 79 16.48 14.62 33.31
C ASP B 79 16.99 15.53 32.19
N VAL B 80 18.33 15.67 32.05
CA VAL B 80 18.97 16.47 31.00
C VAL B 80 18.60 15.88 29.63
N VAL B 81 18.79 14.55 29.47
CA VAL B 81 18.49 13.77 28.27
C VAL B 81 17.01 13.95 27.90
N MET B 82 16.12 13.77 28.90
CA MET B 82 14.66 13.83 28.75
C MET B 82 14.03 15.22 28.64
N THR B 83 14.72 16.28 29.06
CA THR B 83 14.11 17.64 29.06
C THR B 83 14.78 18.72 28.19
N GLN B 84 16.07 18.58 27.91
CA GLN B 84 16.81 19.58 27.14
C GLN B 84 16.88 19.22 25.64
N LEU B 85 16.61 20.19 24.76
CA LEU B 85 16.67 20.00 23.30
C LEU B 85 18.02 20.47 22.72
N GLY B 104 23.33 12.27 18.95
CA GLY B 104 22.11 11.89 18.23
C GLY B 104 21.00 11.28 19.09
N VAL B 105 20.76 11.88 20.28
CA VAL B 105 19.72 11.51 21.26
C VAL B 105 18.64 12.60 21.21
N GLY B 106 17.42 12.22 20.85
CA GLY B 106 16.28 13.13 20.74
C GLY B 106 15.05 12.59 21.45
N VAL B 107 15.28 11.81 22.51
CA VAL B 107 14.20 11.23 23.30
C VAL B 107 13.40 12.33 24.09
N SER B 108 13.96 13.57 24.22
CA SER B 108 13.26 14.72 24.85
C SER B 108 12.03 15.13 24.01
N VAL B 109 12.09 14.90 22.68
CA VAL B 109 11.01 15.15 21.74
C VAL B 109 9.86 14.16 22.02
N VAL B 110 10.18 12.89 22.36
CA VAL B 110 9.18 11.85 22.70
C VAL B 110 8.50 12.28 24.01
N ASN B 111 9.31 12.68 24.98
CA ASN B 111 8.84 13.17 26.25
C ASN B 111 7.88 14.33 26.08
N ALA B 112 8.27 15.34 25.28
CA ALA B 112 7.52 16.54 24.96
C ALA B 112 6.15 16.23 24.36
N LEU B 113 6.04 15.18 23.57
CA LEU B 113 4.82 14.77 22.87
C LEU B 113 4.10 13.59 23.53
N SER B 114 4.42 13.31 24.81
CA SER B 114 3.82 12.25 25.60
C SER B 114 3.26 12.80 26.90
N THR B 115 2.02 12.36 27.25
CA THR B 115 1.29 12.78 28.48
C THR B 115 2.01 12.27 29.70
N ARG B 116 2.77 11.18 29.50
CA ARG B 116 3.55 10.47 30.51
C ARG B 116 4.68 9.70 29.81
N LEU B 117 5.81 9.57 30.53
CA LEU B 117 6.99 8.81 30.16
C LEU B 117 7.59 8.28 31.43
N GLU B 118 7.94 6.99 31.43
CA GLU B 118 8.58 6.32 32.55
C GLU B 118 9.93 5.78 32.10
N ALA B 119 10.98 6.11 32.85
CA ALA B 119 12.32 5.62 32.59
C ALA B 119 12.76 4.72 33.74
N THR B 120 13.12 3.46 33.41
CA THR B 120 13.65 2.53 34.40
C THR B 120 15.07 2.21 33.93
N VAL B 121 16.06 2.57 34.75
CA VAL B 121 17.47 2.41 34.41
C VAL B 121 18.18 1.52 35.43
N LEU B 122 18.95 0.54 34.92
CA LEU B 122 19.69 -0.44 35.69
C LEU B 122 21.17 -0.13 35.53
N ARG B 123 21.79 0.45 36.58
CA ARG B 123 23.22 0.79 36.63
C ARG B 123 23.69 1.18 38.03
N ASP B 124 25.02 1.11 38.26
CA ASP B 124 25.68 1.44 39.53
C ASP B 124 25.20 0.56 40.71
N GLY B 125 24.96 -0.71 40.39
CA GLY B 125 24.53 -1.76 41.31
C GLY B 125 23.09 -1.74 41.79
N TYR B 126 22.27 -0.81 41.23
CA TYR B 126 20.87 -0.64 41.62
C TYR B 126 19.90 -0.37 40.45
N GLU B 127 18.59 -0.50 40.72
CA GLU B 127 17.52 -0.21 39.77
C GLU B 127 17.06 1.23 40.09
N TRP B 128 16.87 2.05 39.04
CA TRP B 128 16.50 3.46 39.17
C TRP B 128 15.19 3.77 38.45
N PHE B 129 14.28 4.52 39.12
CA PHE B 129 13.01 4.91 38.54
C PHE B 129 12.91 6.43 38.34
N GLN B 130 12.39 6.85 37.19
CA GLN B 130 12.21 8.26 36.83
C GLN B 130 11.05 8.44 35.84
N TYR B 131 9.93 8.99 36.35
CA TYR B 131 8.73 9.31 35.57
C TYR B 131 8.67 10.84 35.24
N TYR B 132 7.88 11.18 34.22
CA TYR B 132 7.64 12.54 33.75
C TYR B 132 6.15 12.72 33.50
N ASP B 133 5.58 13.81 34.03
CA ASP B 133 4.18 14.11 33.85
C ASP B 133 4.14 15.25 32.91
N ARG B 134 3.71 15.00 31.65
CA ARG B 134 3.67 16.00 30.58
C ARG B 134 5.06 16.66 30.54
N SER B 135 6.11 15.81 30.54
CA SER B 135 7.54 16.14 30.46
C SER B 135 8.15 16.67 31.76
N VAL B 136 7.33 16.90 32.80
CA VAL B 136 7.82 17.41 34.08
C VAL B 136 8.30 16.24 34.96
N PRO B 137 9.60 16.26 35.34
CA PRO B 137 10.14 15.14 36.14
C PRO B 137 9.62 15.03 37.53
N GLY B 138 9.59 13.80 38.02
CA GLY B 138 9.26 13.50 39.40
C GLY B 138 10.57 13.36 40.15
N LYS B 139 10.57 12.60 41.23
CA LYS B 139 11.81 12.38 41.96
C LYS B 139 12.48 11.15 41.36
N LEU B 140 13.81 11.04 41.48
CA LEU B 140 14.52 9.86 40.97
C LEU B 140 14.54 8.83 42.12
N LYS B 141 13.72 7.78 42.02
CA LYS B 141 13.61 6.77 43.07
C LYS B 141 14.56 5.62 42.86
N GLN B 142 15.55 5.49 43.76
CA GLN B 142 16.54 4.41 43.75
C GLN B 142 15.97 3.25 44.53
N GLY B 143 16.17 2.02 44.08
CA GLY B 143 15.66 0.89 44.84
C GLY B 143 15.85 -0.45 44.21
N GLY B 144 16.24 -1.43 45.01
CA GLY B 144 16.45 -2.80 44.56
C GLY B 144 17.77 -2.95 43.84
N GLU B 145 18.72 -3.63 44.49
CA GLU B 145 20.06 -3.88 43.97
C GLU B 145 20.04 -4.85 42.81
N THR B 146 20.84 -4.56 41.78
CA THR B 146 20.94 -5.41 40.59
C THR B 146 22.30 -5.34 39.92
N LYS B 147 22.81 -6.51 39.51
CA LYS B 147 24.07 -6.65 38.78
C LYS B 147 23.84 -6.28 37.30
N GLU B 148 22.58 -6.44 36.81
CA GLU B 148 22.14 -6.17 35.44
C GLU B 148 22.24 -4.68 35.07
N THR B 149 22.33 -4.40 33.76
CA THR B 149 22.39 -3.06 33.14
C THR B 149 21.33 -2.94 32.02
N GLY B 150 20.89 -1.70 31.74
CA GLY B 150 19.91 -1.43 30.70
C GLY B 150 19.03 -0.22 30.89
N THR B 151 18.31 0.17 29.82
CA THR B 151 17.39 1.31 29.83
C THR B 151 16.01 0.84 29.38
N THR B 152 15.00 1.17 30.17
CA THR B 152 13.61 0.91 29.85
C THR B 152 12.91 2.25 29.69
N ILE B 153 12.19 2.43 28.57
CA ILE B 153 11.42 3.64 28.30
C ILE B 153 10.01 3.25 27.95
N ARG B 154 9.05 3.78 28.73
CA ARG B 154 7.64 3.59 28.46
C ARG B 154 7.02 4.98 28.28
N PHE B 155 6.35 5.20 27.15
CA PHE B 155 5.75 6.51 26.89
C PHE B 155 4.34 6.35 26.40
N TRP B 156 3.50 7.33 26.76
CA TRP B 156 2.10 7.43 26.37
C TRP B 156 1.96 8.62 25.43
N ALA B 157 1.93 8.38 24.11
CA ALA B 157 1.80 9.44 23.09
C ALA B 157 0.55 10.29 23.38
N ASP B 158 0.66 11.63 23.18
CA ASP B 158 -0.39 12.60 23.47
C ASP B 158 -1.57 12.63 22.48
N PRO B 159 -2.81 12.25 22.91
CA PRO B 159 -3.95 12.25 21.97
C PRO B 159 -4.35 13.60 21.43
N GLU B 160 -3.97 14.69 22.14
CA GLU B 160 -4.26 16.05 21.71
C GLU B 160 -3.32 16.44 20.53
N ILE B 161 -2.03 16.02 20.58
CA ILE B 161 -1.03 16.26 19.54
C ILE B 161 -1.33 15.39 18.30
N PHE B 162 -1.47 14.07 18.53
CA PHE B 162 -1.66 13.07 17.47
C PHE B 162 -3.06 12.82 16.94
N GLU B 163 -3.18 12.78 15.58
CA GLU B 163 -4.37 12.49 14.77
C GLU B 163 -4.90 11.11 15.15
N THR B 164 -3.98 10.20 15.50
CA THR B 164 -4.25 8.83 15.95
C THR B 164 -3.19 8.34 16.92
N THR B 165 -3.62 7.59 17.96
CA THR B 165 -2.69 7.04 18.94
C THR B 165 -2.71 5.50 18.92
N ASP B 166 -3.24 4.91 17.81
CA ASP B 166 -3.35 3.47 17.62
C ASP B 166 -2.22 3.00 16.71
N TYR B 167 -1.22 2.35 17.31
CA TYR B 167 -0.05 1.86 16.58
C TYR B 167 -0.41 0.63 15.75
N ASN B 168 0.21 0.50 14.58
CA ASN B 168 0.02 -0.62 13.66
C ASN B 168 1.13 -1.64 13.88
N PHE B 169 0.73 -2.86 14.25
CA PHE B 169 1.67 -3.97 14.47
C PHE B 169 2.55 -4.24 13.22
N GLU B 170 1.93 -4.37 12.03
CA GLU B 170 2.68 -4.63 10.80
C GLU B 170 3.74 -3.61 10.48
N THR B 171 3.45 -2.32 10.75
CA THR B 171 4.35 -1.17 10.54
C THR B 171 5.59 -1.29 11.42
N VAL B 172 5.38 -1.52 12.74
CA VAL B 172 6.44 -1.69 13.72
C VAL B 172 7.31 -2.91 13.40
N ALA B 173 6.68 -4.03 13.01
CA ALA B 173 7.35 -5.28 12.67
C ALA B 173 8.25 -5.14 11.44
N ARG B 174 7.76 -4.52 10.35
CA ARG B 174 8.55 -4.33 9.12
C ARG B 174 9.77 -3.48 9.41
N ARG B 175 9.61 -2.40 10.19
CA ARG B 175 10.71 -1.51 10.54
C ARG B 175 11.73 -2.10 11.49
N LEU B 176 11.28 -2.82 12.50
CA LEU B 176 12.13 -3.51 13.46
C LEU B 176 12.86 -4.65 12.76
N GLN B 177 12.23 -5.28 11.75
CA GLN B 177 12.92 -6.30 10.95
C GLN B 177 14.07 -5.67 10.16
N GLU B 178 13.82 -4.51 9.49
CA GLU B 178 14.83 -3.78 8.72
C GLU B 178 16.03 -3.45 9.61
N MET B 179 15.77 -2.95 10.84
CA MET B 179 16.78 -2.57 11.85
C MET B 179 17.66 -3.70 12.23
N ALA B 180 17.07 -4.91 12.29
CA ALA B 180 17.73 -6.18 12.60
C ALA B 180 18.60 -6.61 11.40
N PHE B 181 18.19 -6.27 10.16
CA PHE B 181 18.99 -6.55 8.93
C PHE B 181 20.15 -5.59 8.80
N LEU B 182 19.97 -4.35 9.24
CA LEU B 182 20.96 -3.28 9.17
C LEU B 182 22.01 -3.37 10.26
N ASN B 183 21.67 -4.08 11.34
CA ASN B 183 22.53 -4.27 12.51
C ASN B 183 22.58 -5.76 12.79
N LYS B 184 23.14 -6.53 11.85
CA LYS B 184 23.24 -7.98 11.92
C LYS B 184 23.87 -8.45 13.22
N GLY B 185 23.19 -9.36 13.91
CA GLY B 185 23.61 -9.91 15.20
C GLY B 185 22.80 -9.39 16.37
N LEU B 186 22.13 -8.22 16.20
CA LEU B 186 21.31 -7.61 17.23
C LEU B 186 19.99 -8.34 17.24
N THR B 187 19.42 -8.58 18.44
CA THR B 187 18.14 -9.23 18.57
C THR B 187 17.11 -8.16 18.83
N ILE B 188 16.02 -8.18 18.06
CA ILE B 188 14.93 -7.24 18.30
C ILE B 188 13.67 -8.06 18.49
N GLU B 189 13.07 -7.95 19.67
CA GLU B 189 11.86 -8.66 19.97
C GLU B 189 10.70 -7.68 20.04
N LEU B 190 9.55 -8.09 19.45
CA LEU B 190 8.33 -7.30 19.41
C LEU B 190 7.15 -8.12 19.93
N THR B 191 6.40 -7.53 20.88
CA THR B 191 5.19 -8.12 21.43
C THR B 191 4.08 -7.08 21.40
N ASP B 192 2.93 -7.46 20.83
CA ASP B 192 1.76 -6.60 20.78
C ASP B 192 0.83 -7.19 21.80
N GLU B 193 0.73 -6.53 22.95
CA GLU B 193 -0.07 -7.04 24.05
C GLU B 193 -1.57 -6.81 23.87
N ARG B 194 -2.00 -6.38 22.66
CA ARG B 194 -3.42 -6.14 22.36
C ARG B 194 -4.15 -7.38 21.87
N ASP B 195 -3.61 -8.07 20.85
CA ASP B 195 -4.23 -9.23 20.21
C ASP B 195 -3.87 -10.58 20.83
N GLY B 196 -1.23 -10.40 21.93
CA GLY B 196 -0.41 -11.59 22.04
C GLY B 196 0.40 -11.92 20.79
N LYS B 197 0.40 -11.02 19.78
CA LYS B 197 1.20 -11.21 18.55
C LYS B 197 2.65 -10.99 18.95
N HIS B 198 3.54 -11.84 18.43
CA HIS B 198 4.94 -11.86 18.83
C HIS B 198 5.87 -12.13 17.66
N ARG B 199 7.01 -11.41 17.65
CA ARG B 199 8.02 -11.50 16.61
C ARG B 199 9.42 -11.42 17.18
N VAL B 200 10.36 -12.19 16.62
CA VAL B 200 11.78 -12.18 17.01
C VAL B 200 12.59 -11.97 15.73
N PHE B 201 13.40 -10.92 15.71
CA PHE B 201 14.23 -10.58 14.56
C PHE B 201 15.69 -10.58 14.99
N HIS B 202 16.43 -11.55 14.46
CA HIS B 202 17.84 -11.76 14.70
C HIS B 202 18.41 -12.43 13.44
N TYR B 203 19.46 -11.82 12.87
CA TYR B 203 20.07 -12.33 11.65
C TYR B 203 21.60 -12.39 11.69
N PRO B 204 22.19 -13.53 11.24
CA PRO B 204 23.65 -13.68 11.12
C PRO B 204 24.61 -12.55 11.46
N GLY C 4 -26.09 18.74 2.92
CA GLY C 4 -25.96 17.36 3.39
C GLY C 4 -26.49 16.35 2.40
N LEU C 5 -27.15 15.29 2.91
CA LEU C 5 -27.75 14.22 2.10
C LEU C 5 -29.13 14.64 1.55
N GLU C 6 -29.59 15.87 1.89
CA GLU C 6 -30.85 16.41 1.40
C GLU C 6 -30.74 16.70 -0.07
N ALA C 7 -29.48 16.87 -0.55
CA ALA C 7 -29.13 17.13 -1.95
C ALA C 7 -29.47 15.90 -2.77
N VAL C 8 -29.12 14.72 -2.24
CA VAL C 8 -29.38 13.43 -2.86
C VAL C 8 -30.91 13.21 -2.96
N ARG C 9 -31.66 13.58 -1.91
CA ARG C 9 -33.13 13.49 -1.83
C ARG C 9 -33.84 14.50 -2.76
N LYS C 10 -33.29 15.73 -2.87
CA LYS C 10 -33.84 16.77 -3.75
C LYS C 10 -33.72 16.33 -5.21
N ARG C 11 -32.53 15.78 -5.62
CA ARG C 11 -32.24 15.35 -7.01
C ARG C 11 -31.67 13.92 -7.08
N PRO C 12 -32.47 12.84 -6.86
CA PRO C 12 -31.91 11.48 -6.94
C PRO C 12 -31.28 11.06 -8.28
N GLY C 13 -31.77 11.64 -9.38
CA GLY C 13 -31.29 11.34 -10.72
C GLY C 13 -29.82 11.62 -10.96
N MET C 14 -29.30 12.62 -10.26
CA MET C 14 -27.92 13.09 -10.31
C MET C 14 -26.98 12.12 -9.60
N TYR C 15 -27.54 11.26 -8.77
CA TYR C 15 -26.82 10.29 -7.96
C TYR C 15 -27.12 8.85 -8.34
N ILE C 16 -28.32 8.56 -8.91
CA ILE C 16 -28.74 7.16 -9.25
C ILE C 16 -29.37 6.94 -10.62
N GLY C 17 -29.67 8.03 -11.33
CA GLY C 17 -30.20 7.99 -12.69
C GLY C 17 -31.67 8.28 -12.84
N SER C 18 -32.51 7.45 -12.21
CA SER C 18 -33.97 7.56 -12.24
C SER C 18 -34.56 7.09 -10.92
N THR C 19 -35.87 7.32 -10.74
CA THR C 19 -36.65 6.95 -9.56
C THR C 19 -37.66 5.85 -9.91
N GLY C 20 -37.53 5.32 -11.12
CA GLY C 20 -38.33 4.20 -11.60
C GLY C 20 -37.67 2.90 -11.20
N GLU C 21 -38.02 1.79 -11.90
CA GLU C 21 -37.44 0.50 -11.57
C GLU C 21 -35.92 0.37 -11.73
N ARG C 22 -35.32 1.13 -12.67
CA ARG C 22 -33.87 1.15 -12.87
C ARG C 22 -33.14 1.81 -11.69
N GLY C 23 -33.67 2.94 -11.20
CA GLY C 23 -33.13 3.64 -10.06
C GLY C 23 -33.27 2.83 -8.80
N LEU C 24 -34.42 2.14 -8.63
CA LEU C 24 -34.63 1.26 -7.47
C LEU C 24 -33.63 0.08 -7.44
N HIS C 25 -33.43 -0.59 -8.58
CA HIS C 25 -32.50 -1.72 -8.67
C HIS C 25 -31.06 -1.28 -8.48
N HIS C 26 -30.78 0.01 -8.83
CA HIS C 26 -29.46 0.63 -8.68
C HIS C 26 -28.97 0.63 -7.24
N LEU C 27 -29.89 0.69 -6.26
CA LEU C 27 -29.59 0.64 -4.82
C LEU C 27 -28.95 -0.68 -4.49
N ILE C 28 -29.45 -1.77 -5.11
CA ILE C 28 -28.86 -3.11 -4.97
C ILE C 28 -27.49 -3.13 -5.62
N TRP C 29 -27.35 -2.62 -6.86
CA TRP C 29 -26.07 -2.59 -7.58
C TRP C 29 -25.00 -1.85 -6.75
N GLU C 30 -25.38 -0.71 -6.12
CA GLU C 30 -24.50 0.08 -5.28
C GLU C 30 -23.95 -0.66 -4.04
N VAL C 31 -24.81 -1.33 -3.26
CA VAL C 31 -24.40 -2.10 -2.08
C VAL C 31 -23.55 -3.31 -2.46
N VAL C 32 -24.00 -4.07 -3.46
CA VAL C 32 -23.29 -5.26 -3.93
C VAL C 32 -21.91 -4.88 -4.52
N ASP C 33 -21.85 -3.76 -5.29
CA ASP C 33 -20.61 -3.26 -5.91
C ASP C 33 -19.50 -3.04 -4.89
N ASN C 34 -19.87 -2.53 -3.70
CA ASN C 34 -18.94 -2.27 -2.59
C ASN C 34 -18.35 -3.54 -2.03
N ALA C 35 -19.16 -4.63 -1.99
CA ALA C 35 -18.77 -5.97 -1.55
C ALA C 35 -17.88 -6.67 -2.62
N VAL C 36 -18.18 -6.48 -3.93
CA VAL C 36 -17.42 -7.03 -5.08
C VAL C 36 -16.03 -6.35 -5.08
N ASP C 37 -16.00 -5.05 -4.67
CA ASP C 37 -14.78 -4.27 -4.52
C ASP C 37 -13.92 -4.87 -3.38
N GLU C 38 -14.56 -5.33 -2.27
CA GLU C 38 -13.85 -5.99 -1.17
C GLU C 38 -13.28 -7.32 -1.59
N ALA C 39 -13.97 -8.01 -2.53
CA ALA C 39 -13.46 -9.26 -3.14
C ALA C 39 -12.31 -8.93 -4.11
N MET C 40 -12.47 -7.87 -4.96
CA MET C 40 -11.40 -7.45 -5.88
C MET C 40 -10.14 -7.04 -5.08
N ALA C 41 -10.33 -6.54 -3.85
CA ALA C 41 -9.26 -6.15 -2.92
C ALA C 41 -8.53 -7.38 -2.38
N GLY C 42 -9.16 -8.55 -2.47
CA GLY C 42 -8.60 -9.83 -2.03
C GLY C 42 -9.00 -10.28 -0.63
N PHE C 43 -10.17 -9.81 -0.12
CA PHE C 43 -10.64 -10.15 1.23
C PHE C 43 -11.95 -10.94 1.25
N ALA C 44 -12.99 -10.45 0.55
CA ALA C 44 -14.26 -11.16 0.51
C ALA C 44 -14.21 -12.28 -0.54
N THR C 45 -14.97 -13.36 -0.30
CA THR C 45 -15.04 -14.54 -1.19
C THR C 45 -16.48 -14.80 -1.62
N ARG C 46 -17.46 -14.21 -0.89
CA ARG C 46 -18.89 -14.37 -1.15
C ARG C 46 -19.75 -13.18 -0.81
N VAL C 47 -20.90 -13.08 -1.48
CA VAL C 47 -21.91 -12.06 -1.33
C VAL C 47 -23.28 -12.76 -1.20
N ASP C 48 -23.99 -12.51 -0.12
CA ASP C 48 -25.32 -13.08 0.08
C ASP C 48 -26.34 -11.94 -0.07
N VAL C 49 -27.32 -12.11 -0.97
CA VAL C 49 -28.32 -11.07 -1.21
C VAL C 49 -29.66 -11.66 -0.87
N LYS C 50 -30.45 -10.96 -0.04
CA LYS C 50 -31.76 -11.43 0.38
C LYS C 50 -32.81 -10.37 0.13
N ILE C 51 -33.83 -10.67 -0.70
CA ILE C 51 -34.98 -9.81 -0.96
C ILE C 51 -36.04 -10.25 0.03
N HIS C 52 -36.21 -9.49 1.11
CA HIS C 52 -37.17 -9.79 2.19
C HIS C 52 -38.59 -9.43 1.79
N ALA C 53 -39.58 -10.07 2.42
CA ALA C 53 -41.01 -9.84 2.18
C ALA C 53 -41.51 -8.45 2.66
N ASP C 54 -40.77 -7.79 3.57
CA ASP C 54 -41.09 -6.45 4.11
C ASP C 54 -40.71 -5.27 3.19
N GLY C 55 -40.06 -5.57 2.07
CA GLY C 55 -39.63 -4.54 1.11
C GLY C 55 -38.17 -4.13 1.22
N SER C 56 -37.44 -4.72 2.19
CA SER C 56 -36.02 -4.47 2.38
C SER C 56 -35.17 -5.48 1.54
N VAL C 57 -33.87 -5.17 1.37
CA VAL C 57 -32.86 -5.96 0.67
C VAL C 57 -31.67 -5.99 1.64
N GLU C 58 -31.14 -7.20 1.88
CA GLU C 58 -30.01 -7.41 2.75
C GLU C 58 -28.85 -7.93 1.91
N VAL C 59 -27.66 -7.37 2.09
CA VAL C 59 -26.46 -7.79 1.37
C VAL C 59 -25.41 -8.00 2.45
N ARG C 60 -24.88 -9.21 2.50
CA ARG C 60 -23.86 -9.61 3.45
C ARG C 60 -22.65 -10.08 2.67
N ASP C 61 -21.46 -9.74 3.16
CA ASP C 61 -20.19 -10.20 2.58
C ASP C 61 -19.32 -10.76 3.72
N ASP C 62 -18.19 -11.43 3.40
CA ASP C 62 -17.25 -11.96 4.38
C ASP C 62 -15.90 -11.21 4.31
N GLY C 63 -15.97 -9.93 3.93
CA GLY C 63 -14.81 -9.06 3.82
C GLY C 63 -14.26 -8.61 5.16
N ARG C 64 -13.37 -7.61 5.16
CA ARG C 64 -12.73 -7.05 6.37
C ARG C 64 -13.73 -6.39 7.34
N GLY C 65 -14.86 -5.92 6.80
CA GLY C 65 -15.90 -5.23 7.56
C GLY C 65 -15.62 -3.74 7.58
N ILE C 66 -16.64 -2.89 7.36
CA ILE C 66 -16.49 -1.42 7.39
C ILE C 66 -15.91 -0.99 8.77
N PRO C 67 -14.79 -0.22 8.82
CA PRO C 67 -14.23 0.20 10.12
C PRO C 67 -15.24 0.91 11.02
N VAL C 68 -15.25 0.52 12.31
CA VAL C 68 -16.16 1.07 13.32
C VAL C 68 -15.54 2.20 14.15
N GLU C 69 -14.18 2.23 14.24
CA GLU C 69 -13.36 3.18 14.98
C GLU C 69 -13.68 4.64 14.64
N MET C 70 -13.62 5.55 15.63
CA MET C 70 -13.90 6.98 15.42
C MET C 70 -12.94 7.62 14.41
N HIS C 71 -13.53 8.22 13.36
CA HIS C 71 -12.82 8.91 12.29
C HIS C 71 -12.34 10.28 12.80
N ALA C 72 -11.44 10.94 12.03
CA ALA C 72 -10.92 12.28 12.32
C ALA C 72 -12.03 13.34 12.31
N THR C 73 -13.16 13.05 11.62
CA THR C 73 -14.35 13.89 11.49
C THR C 73 -15.24 13.89 12.77
N GLY C 74 -14.73 13.29 13.85
CA GLY C 74 -15.40 13.23 15.15
C GLY C 74 -16.70 12.45 15.18
N MET C 75 -16.70 11.25 14.54
CA MET C 75 -17.83 10.31 14.47
C MET C 75 -17.32 8.93 14.00
N PRO C 76 -18.05 7.81 14.22
CA PRO C 76 -17.55 6.50 13.74
C PRO C 76 -17.33 6.46 12.23
N THR C 77 -16.32 5.68 11.74
CA THR C 77 -15.98 5.56 10.32
C THR C 77 -17.20 5.09 9.50
N ILE C 78 -18.07 4.22 10.10
CA ILE C 78 -19.31 3.73 9.50
C ILE C 78 -20.28 4.88 9.24
N ASP C 79 -20.43 5.81 10.22
CA ASP C 79 -21.29 6.99 10.11
C ASP C 79 -20.79 7.90 9.00
N VAL C 80 -19.44 8.01 8.83
CA VAL C 80 -18.83 8.82 7.77
C VAL C 80 -19.21 8.25 6.40
N VAL C 81 -19.04 6.92 6.24
CA VAL C 81 -19.35 6.15 5.03
C VAL C 81 -20.83 6.34 4.69
N MET C 82 -21.72 6.13 5.67
CA MET C 82 -23.18 6.21 5.53
C MET C 82 -23.80 7.60 5.46
N THR C 83 -23.11 8.66 5.90
CA THR C 83 -23.71 10.00 5.93
C THR C 83 -23.07 11.10 5.07
N GLN C 84 -21.77 10.97 4.76
CA GLN C 84 -21.05 11.99 3.99
C GLN C 84 -21.04 11.68 2.50
N LEU C 85 -21.36 12.67 1.65
CA LEU C 85 -21.37 12.53 0.18
C LEU C 85 -20.10 13.11 -0.43
N HIS C 103 -13.58 6.08 -1.42
CA HIS C 103 -13.27 6.11 -2.86
C HIS C 103 -13.96 4.95 -3.61
N GLY C 104 -14.90 5.28 -4.50
CA GLY C 104 -15.74 4.29 -5.20
C GLY C 104 -16.84 3.73 -4.31
N VAL C 105 -17.02 4.31 -3.08
CA VAL C 105 -18.02 3.94 -2.06
C VAL C 105 -19.07 5.06 -2.03
N GLY C 106 -20.30 4.73 -2.41
CA GLY C 106 -21.42 5.66 -2.46
C GLY C 106 -22.70 5.10 -1.88
N VAL C 107 -22.56 4.38 -0.76
CA VAL C 107 -23.66 3.75 0.00
C VAL C 107 -24.49 4.82 0.76
N SER C 108 -23.91 6.03 0.99
CA SER C 108 -24.60 7.13 1.65
C SER C 108 -25.84 7.56 0.82
N VAL C 109 -25.82 7.30 -0.50
CA VAL C 109 -26.90 7.56 -1.46
C VAL C 109 -28.06 6.61 -1.20
N VAL C 110 -27.73 5.37 -0.88
CA VAL C 110 -28.70 4.32 -0.53
C VAL C 110 -29.37 4.68 0.80
N ASN C 111 -28.56 5.15 1.77
CA ASN C 111 -29.01 5.61 3.05
C ASN C 111 -29.97 6.78 2.89
N ALA C 112 -29.57 7.78 2.09
CA ALA C 112 -30.31 8.99 1.77
C ALA C 112 -31.69 8.69 1.16
N LEU C 113 -31.78 7.62 0.36
CA LEU C 113 -32.99 7.24 -0.38
C LEU C 113 -33.80 6.11 0.23
N SER C 114 -33.42 5.70 1.45
CA SER C 114 -34.02 4.68 2.26
C SER C 114 -34.60 5.33 3.52
N THR C 115 -35.75 4.82 4.02
CA THR C 115 -36.47 5.28 5.21
C THR C 115 -35.76 4.74 6.45
N ARG C 116 -35.00 3.64 6.26
CA ARG C 116 -34.26 2.90 7.27
C ARG C 116 -33.14 2.11 6.58
N LEU C 117 -32.02 1.97 7.30
CA LEU C 117 -30.84 1.22 6.91
C LEU C 117 -30.23 0.67 8.17
N GLU C 118 -29.89 -0.63 8.15
CA GLU C 118 -29.24 -1.31 9.24
C GLU C 118 -27.89 -1.86 8.78
N ALA C 119 -26.83 -1.53 9.54
CA ALA C 119 -25.49 -2.02 9.25
C ALA C 119 -25.03 -2.94 10.39
N THR C 120 -24.68 -4.17 10.04
CA THR C 120 -24.14 -5.14 11.00
C THR C 120 -22.73 -5.44 10.53
N VAL C 121 -21.74 -5.10 11.36
CA VAL C 121 -20.33 -5.26 11.03
C VAL C 121 -19.62 -6.18 12.02
N LEU C 122 -18.85 -7.15 11.49
CA LEU C 122 -18.09 -8.14 12.24
C LEU C 122 -16.60 -7.83 12.08
N ARG C 123 -15.98 -7.26 13.13
CA ARG C 123 -14.55 -6.90 13.19
C ARG C 123 -14.09 -6.57 14.62
N ASP C 124 -12.75 -6.56 14.85
CA ASP C 124 -12.11 -6.26 16.12
C ASP C 124 -12.58 -7.17 17.28
N GLY C 125 -12.83 -8.44 16.94
CA GLY C 125 -13.25 -9.51 17.84
C GLY C 125 -14.69 -9.50 18.30
N TYR C 126 -15.51 -8.57 17.77
CA TYR C 126 -16.91 -8.41 18.17
C TYR C 126 -17.87 -8.13 17.00
N GLU C 127 -19.20 -8.26 17.28
CA GLU C 127 -20.28 -7.96 16.34
C GLU C 127 -20.73 -6.52 16.67
N TRP C 128 -20.91 -5.69 15.64
CA TRP C 128 -21.28 -4.28 15.79
C TRP C 128 -22.59 -3.95 15.09
N PHE C 129 -23.49 -3.19 15.76
CA PHE C 129 -24.78 -2.79 15.18
C PHE C 129 -24.87 -1.28 15.02
N GLN C 130 -25.35 -0.83 13.86
CA GLN C 130 -25.52 0.58 13.53
C GLN C 130 -26.67 0.80 12.55
N TYR C 131 -27.70 1.48 13.05
CA TYR C 131 -28.92 1.75 12.30
C TYR C 131 -29.09 3.25 11.99
N TYR C 132 -29.92 3.55 10.98
CA TYR C 132 -30.18 4.91 10.53
C TYR C 132 -31.68 5.10 10.30
N ASP C 133 -32.25 6.17 10.85
CA ASP C 133 -33.66 6.49 10.66
C ASP C 133 -33.67 7.65 9.73
N ARG C 134 -34.12 7.43 8.48
CA ARG C 134 -34.15 8.45 7.43
C ARG C 134 -32.76 9.12 7.40
N SER C 135 -31.71 8.25 7.37
CA SER C 135 -30.28 8.56 7.30
C SER C 135 -29.66 9.06 8.63
N VAL C 136 -30.49 9.28 9.67
CA VAL C 136 -30.03 9.76 10.97
C VAL C 136 -29.53 8.59 11.83
N PRO C 137 -28.25 8.59 12.23
CA PRO C 137 -27.70 7.46 13.00
C PRO C 137 -28.23 7.31 14.39
N GLY C 138 -28.25 6.06 14.84
CA GLY C 138 -28.57 5.72 16.21
C GLY C 138 -27.26 5.58 16.95
N LYS C 139 -27.23 4.82 18.03
CA LYS C 139 -25.99 4.59 18.75
C LYS C 139 -25.30 3.37 18.11
N LEU C 140 -23.96 3.27 18.24
CA LEU C 140 -23.26 2.09 17.72
C LEU C 140 -23.24 1.05 18.85
N LYS C 141 -24.08 0.00 18.73
CA LYS C 141 -24.18 -1.01 19.77
C LYS C 141 -23.25 -2.19 19.53
N GLN C 142 -22.26 -2.34 20.42
CA GLN C 142 -21.28 -3.43 20.39
C GLN C 142 -21.90 -4.62 21.14
N GLY C 143 -21.71 -5.82 20.63
CA GLY C 143 -22.29 -7.01 21.26
C GLY C 143 -21.39 -8.22 21.22
N GLY C 144 -22.00 -9.39 21.02
CA GLY C 144 -21.37 -10.70 20.99
C GLY C 144 -20.02 -10.80 20.31
N GLU C 145 -19.07 -11.50 20.96
CA GLU C 145 -17.71 -11.71 20.45
C GLU C 145 -17.70 -12.66 19.29
N THR C 146 -16.92 -12.34 18.25
CA THR C 146 -16.82 -13.17 17.05
C THR C 146 -15.46 -13.07 16.36
N LYS C 147 -14.95 -14.24 15.94
CA LYS C 147 -13.70 -14.39 15.19
C LYS C 147 -13.96 -14.03 13.71
N GLU C 148 -15.22 -14.17 13.26
CA GLU C 148 -15.65 -13.89 11.89
C GLU C 148 -15.57 -12.39 11.53
N THR C 149 -15.50 -12.09 10.22
CA THR C 149 -15.43 -10.74 9.62
C THR C 149 -16.50 -10.61 8.52
N GLY C 150 -16.95 -9.37 8.27
CA GLY C 150 -17.95 -9.11 7.25
C GLY C 150 -18.83 -7.90 7.47
N THR C 151 -19.50 -7.45 6.39
CA THR C 151 -20.42 -6.33 6.41
C THR C 151 -21.80 -6.77 5.97
N THR C 152 -22.81 -6.42 6.75
CA THR C 152 -24.22 -6.68 6.44
C THR C 152 -24.90 -5.34 6.30
N ILE C 153 -25.64 -5.15 5.19
CA ILE C 153 -26.41 -3.93 4.94
C ILE C 153 -27.83 -4.32 4.58
N ARG C 154 -28.78 -3.80 5.37
CA ARG C 154 -30.20 -3.99 5.12
C ARG C 154 -30.82 -2.60 4.96
N PHE C 155 -31.50 -2.37 3.85
CA PHE C 155 -32.08 -1.05 3.60
C PHE C 155 -33.49 -1.18 3.11
N TRP C 156 -34.32 -0.18 3.47
CA TRP C 156 -35.71 -0.08 3.09
C TRP C 156 -35.82 1.13 2.16
N ALA C 157 -35.88 0.89 0.83
CA ALA C 157 -36.00 1.95 -0.19
C ALA C 157 -37.24 2.80 0.12
N ASP C 158 -37.13 4.14 -0.07
CA ASP C 158 -38.19 5.11 0.22
C ASP C 158 -39.36 5.13 -0.80
N PRO C 159 -40.59 4.72 -0.40
CA PRO C 159 -41.73 4.73 -1.34
C PRO C 159 -42.14 6.08 -1.86
N GLU C 160 -41.76 7.17 -1.16
CA GLU C 160 -42.04 8.54 -1.58
C GLU C 160 -41.11 8.95 -2.72
N ILE C 161 -39.81 8.55 -2.66
CA ILE C 161 -38.78 8.79 -3.70
C ILE C 161 -39.08 7.94 -4.94
N PHE C 162 -39.23 6.62 -4.73
CA PHE C 162 -39.42 5.62 -5.79
C PHE C 162 -40.82 5.39 -6.34
N GLU C 163 -40.94 5.36 -7.69
CA GLU C 163 -42.14 5.11 -8.48
C GLU C 163 -42.69 3.72 -8.10
N THR C 164 -41.77 2.78 -7.81
CA THR C 164 -42.04 1.41 -7.39
C THR C 164 -40.96 0.90 -6.44
N THR C 165 -41.37 0.15 -5.42
CA THR C 165 -40.44 -0.43 -4.43
C THR C 165 -40.48 -1.98 -4.46
N ASP C 166 -41.04 -2.53 -5.57
CA ASP C 166 -41.18 -3.97 -5.76
C ASP C 166 -40.05 -4.45 -6.68
N TYR C 167 -39.07 -5.13 -6.07
CA TYR C 167 -37.91 -5.69 -6.77
C TYR C 167 -38.32 -6.85 -7.60
N ASN C 168 -37.70 -6.96 -8.77
CA ASN C 168 -37.91 -8.06 -9.70
C ASN C 168 -36.81 -9.08 -9.50
N PHE C 169 -37.20 -10.32 -9.12
CA PHE C 169 -36.27 -11.43 -8.92
C PHE C 169 -35.40 -11.68 -10.18
N GLU C 170 -36.03 -11.80 -11.37
CA GLU C 170 -35.30 -12.08 -12.62
C GLU C 170 -34.22 -11.04 -12.94
N THR C 171 -34.50 -9.75 -12.64
CA THR C 171 -33.60 -8.60 -12.84
C THR C 171 -32.36 -8.75 -11.95
N VAL C 172 -32.56 -8.99 -10.65
CA VAL C 172 -31.50 -9.16 -9.66
C VAL C 172 -30.62 -10.39 -9.99
N ALA C 173 -31.27 -11.52 -10.36
CA ALA C 173 -30.58 -12.76 -10.68
C ALA C 173 -29.69 -12.63 -11.93
N ARG C 174 -30.20 -11.98 -13.03
CA ARG C 174 -29.41 -11.80 -14.27
C ARG C 174 -28.19 -10.94 -13.98
N ARG C 175 -28.36 -9.87 -13.18
CA ARG C 175 -27.25 -8.99 -12.81
C ARG C 175 -26.23 -9.58 -11.88
N LEU C 176 -26.67 -10.30 -10.87
CA LEU C 176 -25.81 -11.02 -9.92
C LEU C 176 -25.11 -12.15 -10.61
N GLN C 177 -25.75 -12.77 -11.64
CA GLN C 177 -25.08 -13.78 -12.45
C GLN C 177 -23.92 -13.15 -13.25
N GLU C 178 -24.17 -11.98 -13.91
CA GLU C 178 -23.17 -11.26 -14.68
C GLU C 178 -21.96 -10.96 -13.78
N MET C 179 -22.20 -10.46 -12.55
CA MET C 179 -21.18 -10.09 -11.56
C MET C 179 -20.30 -11.24 -11.20
N ALA C 180 -20.90 -12.44 -11.16
CA ALA C 180 -20.24 -13.72 -10.86
C ALA C 180 -19.39 -14.15 -12.07
N PHE C 181 -19.81 -13.79 -13.31
CA PHE C 181 -19.04 -14.07 -14.54
C PHE C 181 -17.87 -13.11 -14.67
N LEU C 182 -18.04 -11.87 -14.20
CA LEU C 182 -17.04 -10.80 -14.29
C LEU C 182 -15.97 -10.92 -13.21
N ASN C 183 -16.29 -11.64 -12.15
CA ASN C 183 -15.41 -11.85 -11.00
C ASN C 183 -15.38 -13.36 -10.74
N LYS C 184 -14.85 -14.13 -11.70
CA LYS C 184 -14.76 -15.59 -11.64
C LYS C 184 -14.12 -16.11 -10.35
N GLY C 185 -14.83 -17.00 -9.66
CA GLY C 185 -14.40 -17.54 -8.38
C GLY C 185 -15.18 -17.00 -7.20
N LEU C 186 -15.82 -15.83 -7.35
CA LEU C 186 -16.63 -15.20 -6.29
C LEU C 186 -17.96 -15.91 -6.27
N THR C 187 -18.51 -16.14 -5.07
CA THR C 187 -19.80 -16.77 -4.93
C THR C 187 -20.82 -15.69 -4.65
N ILE C 188 -21.92 -15.70 -5.40
CA ILE C 188 -23.00 -14.75 -5.13
C ILE C 188 -24.27 -15.58 -4.95
N GLU C 189 -24.85 -15.47 -3.77
CA GLU C 189 -26.07 -16.19 -3.47
C GLU C 189 -27.24 -15.18 -3.39
N LEU C 190 -28.39 -15.59 -3.97
CA LEU C 190 -29.60 -14.79 -3.98
C LEU C 190 -30.79 -15.61 -3.45
N THR C 191 -31.54 -15.02 -2.51
CA THR C 191 -32.75 -15.60 -1.97
C THR C 191 -33.84 -14.55 -2.01
N ASP C 192 -35.00 -14.93 -2.58
CA ASP C 192 -36.16 -14.06 -2.61
C ASP C 192 -37.11 -14.66 -1.61
N GLU C 193 -37.25 -13.98 -0.46
CA GLU C 193 -38.11 -14.49 0.59
C GLU C 193 -39.62 -14.35 0.30
N ARG C 194 -40.03 -13.67 -0.78
CA ARG C 194 -41.45 -13.45 -1.11
C ARG C 194 -42.18 -14.65 -1.73
N ASP C 195 -41.51 -15.45 -2.57
CA ASP C 195 -42.16 -16.60 -3.24
C ASP C 195 -41.83 -17.97 -2.65
N GLY C 196 -39.21 -17.85 -1.52
CA GLY C 196 -38.39 -19.04 -1.42
C GLY C 196 -37.58 -19.37 -2.65
N LYS C 197 -37.56 -18.45 -3.66
CA LYS C 197 -36.77 -18.64 -4.87
C LYS C 197 -35.32 -18.46 -4.46
N HIS C 198 -34.42 -19.30 -4.98
CA HIS C 198 -33.02 -19.35 -4.56
C HIS C 198 -32.11 -19.64 -5.72
N ARG C 199 -30.97 -18.92 -5.75
CA ARG C 199 -29.96 -19.01 -6.80
C ARG C 199 -28.56 -18.92 -6.23
N VAL C 200 -27.63 -19.68 -6.80
CA VAL C 200 -26.21 -19.68 -6.42
C VAL C 200 -25.41 -19.47 -7.71
N PHE C 201 -24.59 -18.42 -7.73
CA PHE C 201 -23.77 -18.06 -8.88
C PHE C 201 -22.31 -18.08 -8.49
N HIS C 202 -21.59 -19.07 -9.03
CA HIS C 202 -20.18 -19.31 -8.80
C HIS C 202 -19.63 -19.98 -10.06
N TYR C 203 -18.59 -19.38 -10.66
CA TYR C 203 -18.02 -19.92 -11.89
C TYR C 203 -16.48 -19.99 -11.89
N PRO C 204 -15.91 -21.15 -12.35
CA PRO C 204 -14.45 -21.31 -12.49
C PRO C 204 -13.47 -20.22 -12.08
N GLY D 4 -8.44 -26.00 -24.14
CA GLY D 4 -8.14 -24.57 -24.24
C GLY D 4 -9.37 -23.69 -24.24
N LEU D 5 -9.41 -22.70 -25.17
CA LEU D 5 -10.52 -21.75 -25.37
C LEU D 5 -11.66 -22.38 -26.19
N GLU D 6 -11.47 -23.63 -26.66
CA GLU D 6 -12.49 -24.35 -27.44
C GLU D 6 -13.63 -24.68 -26.50
N ALA D 7 -13.35 -24.75 -25.18
CA ALA D 7 -14.31 -25.04 -24.13
C ALA D 7 -15.29 -23.91 -24.04
N VAL D 8 -14.81 -22.65 -24.18
CA VAL D 8 -15.62 -21.44 -24.16
C VAL D 8 -16.57 -21.45 -25.37
N ARG D 9 -16.06 -21.86 -26.56
CA ARG D 9 -16.80 -21.94 -27.83
C ARG D 9 -17.83 -23.05 -27.83
N LYS D 10 -17.48 -24.21 -27.20
CA LYS D 10 -18.37 -25.36 -27.12
C LYS D 10 -19.50 -25.04 -26.18
N ARG D 11 -19.18 -24.30 -25.10
CA ARG D 11 -20.11 -23.90 -24.04
C ARG D 11 -20.09 -22.42 -23.59
N PRO D 12 -20.55 -21.48 -24.46
CA PRO D 12 -20.52 -20.05 -24.08
C PRO D 12 -21.38 -19.62 -22.89
N GLY D 13 -22.50 -20.29 -22.66
CA GLY D 13 -23.39 -20.00 -21.54
C GLY D 13 -22.75 -20.16 -20.16
N MET D 14 -21.78 -21.07 -20.08
CA MET D 14 -21.01 -21.41 -18.89
C MET D 14 -19.94 -20.35 -18.53
N TYR D 15 -19.68 -19.44 -19.46
CA TYR D 15 -18.68 -18.36 -19.32
C TYR D 15 -19.33 -17.03 -19.47
N ILE D 16 -20.46 -16.98 -20.18
CA ILE D 16 -21.09 -15.72 -20.59
C ILE D 16 -22.56 -15.52 -20.25
N GLY D 17 -23.28 -16.60 -20.00
CA GLY D 17 -24.70 -16.55 -19.66
C GLY D 17 -25.57 -17.11 -20.75
N SER D 18 -25.61 -16.41 -21.89
CA SER D 18 -26.38 -16.77 -23.09
C SER D 18 -25.64 -16.30 -24.38
N THR D 19 -26.23 -16.62 -25.54
CA THR D 19 -25.71 -16.31 -26.89
C THR D 19 -26.67 -15.37 -27.60
N GLY D 20 -27.65 -14.89 -26.84
CA GLY D 20 -28.62 -13.89 -27.28
C GLY D 20 -28.08 -12.50 -26.98
N GLU D 21 -28.97 -11.47 -27.06
CA GLU D 21 -28.65 -10.05 -26.84
C GLU D 21 -27.88 -9.79 -25.52
N ARG D 22 -28.24 -10.51 -24.43
CA ARG D 22 -27.60 -10.37 -23.11
C ARG D 22 -26.16 -10.94 -23.11
N GLY D 23 -25.96 -12.05 -23.81
CA GLY D 23 -24.64 -12.66 -23.95
C GLY D 23 -23.75 -11.79 -24.81
N LEU D 24 -24.30 -11.24 -25.90
CA LEU D 24 -23.58 -10.29 -26.77
C LEU D 24 -23.10 -9.04 -25.99
N HIS D 25 -24.02 -8.37 -25.25
CA HIS D 25 -23.66 -7.18 -24.48
C HIS D 25 -22.68 -7.45 -23.35
N HIS D 26 -22.66 -8.71 -22.87
CA HIS D 26 -21.76 -9.16 -21.81
C HIS D 26 -20.29 -9.01 -22.21
N LEU D 27 -19.99 -9.16 -23.51
CA LEU D 27 -18.65 -8.95 -24.08
C LEU D 27 -18.17 -7.54 -23.80
N ILE D 28 -19.08 -6.55 -23.92
CA ILE D 28 -18.80 -5.16 -23.60
C ILE D 28 -18.56 -5.02 -22.11
N TRP D 29 -19.45 -5.61 -21.25
CA TRP D 29 -19.35 -5.52 -19.79
C TRP D 29 -18.00 -6.05 -19.32
N GLU D 30 -17.57 -7.18 -19.90
CA GLU D 30 -16.30 -7.83 -19.61
C GLU D 30 -15.06 -6.94 -19.88
N VAL D 31 -14.95 -6.36 -21.09
CA VAL D 31 -13.84 -5.48 -21.46
C VAL D 31 -13.82 -4.19 -20.62
N VAL D 32 -14.98 -3.54 -20.50
CA VAL D 32 -15.12 -2.29 -19.72
C VAL D 32 -14.80 -2.54 -18.22
N ASP D 33 -15.29 -3.68 -17.66
CA ASP D 33 -15.05 -4.06 -16.26
C ASP D 33 -13.57 -4.12 -15.90
N ASN D 34 -12.74 -4.62 -16.83
CA ASN D 34 -11.28 -4.70 -16.66
C ASN D 34 -10.64 -3.34 -16.57
N ALA D 35 -11.16 -2.35 -17.33
CA ALA D 35 -10.73 -0.94 -17.35
C ALA D 35 -11.20 -0.21 -16.07
N VAL D 36 -12.44 -0.47 -15.58
CA VAL D 36 -13.04 0.08 -14.33
C VAL D 36 -12.19 -0.42 -13.14
N ASP D 37 -11.71 -1.69 -13.24
CA ASP D 37 -10.82 -2.31 -12.27
C ASP D 37 -9.47 -1.57 -12.25
N GLU D 38 -8.93 -1.16 -13.43
CA GLU D 38 -7.69 -0.36 -13.51
C GLU D 38 -7.88 1.01 -12.92
N ALA D 39 -9.12 1.54 -13.07
CA ALA D 39 -9.59 2.79 -12.46
C ALA D 39 -9.63 2.63 -10.94
N MET D 40 -10.28 1.55 -10.41
CA MET D 40 -10.37 1.23 -8.97
C MET D 40 -8.98 0.99 -8.34
N ALA D 41 -8.02 0.52 -9.17
CA ALA D 41 -6.62 0.27 -8.79
C ALA D 41 -5.87 1.59 -8.57
N GLY D 42 -6.42 2.67 -9.13
CA GLY D 42 -5.87 4.03 -9.00
C GLY D 42 -4.98 4.48 -10.13
N PHE D 43 -5.16 3.91 -11.35
CA PHE D 43 -4.35 4.26 -12.52
C PHE D 43 -5.14 4.90 -13.66
N ALA D 44 -6.24 4.27 -14.09
CA ALA D 44 -7.06 4.82 -15.14
C ALA D 44 -8.02 5.87 -14.57
N THR D 45 -8.38 6.88 -15.39
CA THR D 45 -9.27 7.98 -15.02
C THR D 45 -10.49 8.04 -15.97
N ARG D 46 -10.35 7.39 -17.15
CA ARG D 46 -11.38 7.39 -18.20
C ARG D 46 -11.43 6.13 -19.03
N VAL D 47 -12.61 5.87 -19.58
CA VAL D 47 -12.93 4.75 -20.45
C VAL D 47 -13.65 5.31 -21.70
N ASP D 48 -13.13 5.02 -22.87
CA ASP D 48 -13.75 5.44 -24.13
C ASP D 48 -14.29 4.20 -24.82
N VAL D 49 -15.59 4.19 -25.13
CA VAL D 49 -16.24 3.03 -25.74
C VAL D 49 -16.78 3.46 -27.07
N LYS D 50 -16.45 2.74 -28.15
CA LYS D 50 -16.87 3.08 -29.50
C LYS D 50 -17.53 1.89 -30.17
N ILE D 51 -18.81 2.03 -30.57
CA ILE D 51 -19.56 1.02 -31.33
C ILE D 51 -19.37 1.40 -32.79
N HIS D 52 -18.49 0.69 -33.47
CA HIS D 52 -18.17 0.92 -34.89
C HIS D 52 -19.25 0.35 -35.81
N ALA D 53 -19.35 0.90 -37.03
CA ALA D 53 -20.31 0.49 -38.07
C ALA D 53 -20.02 -0.91 -38.66
N ASP D 54 -18.78 -1.39 -38.54
CA ASP D 54 -18.34 -2.72 -39.02
C ASP D 54 -18.76 -3.92 -38.10
N GLY D 55 -19.37 -3.64 -36.96
CA GLY D 55 -19.81 -4.65 -36.00
C GLY D 55 -18.88 -4.87 -34.82
N SER D 56 -17.74 -4.15 -34.79
CA SER D 56 -16.77 -4.22 -33.70
C SER D 56 -17.11 -3.16 -32.62
N VAL D 57 -16.51 -3.32 -31.42
CA VAL D 57 -16.61 -2.43 -30.25
C VAL D 57 -15.17 -2.21 -29.82
N GLU D 58 -14.81 -0.96 -29.57
CA GLU D 58 -13.48 -0.56 -29.15
C GLU D 58 -13.60 0.06 -27.76
N VAL D 59 -12.73 -0.34 -26.85
CA VAL D 59 -12.72 0.17 -25.46
C VAL D 59 -11.28 0.55 -25.21
N ARG D 60 -11.08 1.81 -24.88
CA ARG D 60 -9.77 2.38 -24.59
C ARG D 60 -9.81 2.93 -23.16
N ASP D 61 -8.71 2.74 -22.43
CA ASP D 61 -8.53 3.30 -21.10
C ASP D 61 -7.15 4.02 -21.05
N ASP D 62 -6.90 4.81 -20.00
CA ASP D 62 -5.61 5.49 -19.82
C ASP D 62 -4.83 4.90 -18.62
N GLY D 63 -5.04 3.61 -18.38
CA GLY D 63 -4.40 2.86 -17.31
C GLY D 63 -2.95 2.55 -17.58
N ARG D 64 -2.35 1.62 -16.79
CA ARG D 64 -0.94 1.21 -16.92
C ARG D 64 -0.63 0.51 -18.23
N GLY D 65 -1.65 -0.12 -18.82
CA GLY D 65 -1.54 -0.91 -20.04
C GLY D 65 -1.20 -2.34 -19.71
N ILE D 66 -1.87 -3.33 -20.38
CA ILE D 66 -1.59 -4.77 -20.17
C ILE D 66 -0.09 -5.07 -20.42
N PRO D 67 0.66 -5.72 -19.48
CA PRO D 67 2.08 -5.99 -19.72
C PRO D 67 2.37 -6.74 -21.02
N VAL D 68 3.39 -6.28 -21.75
CA VAL D 68 3.77 -6.87 -23.05
C VAL D 68 4.92 -7.86 -22.94
N GLU D 69 5.76 -7.72 -21.89
CA GLU D 69 6.94 -8.56 -21.64
C GLU D 69 6.63 -10.03 -21.53
N MET D 70 7.57 -10.89 -21.99
CA MET D 70 7.39 -12.36 -21.97
C MET D 70 7.20 -12.90 -20.57
N HIS D 71 6.09 -13.63 -20.40
CA HIS D 71 5.68 -14.26 -19.15
C HIS D 71 6.52 -15.53 -18.93
N ALA D 72 6.46 -16.08 -17.70
CA ALA D 72 7.16 -17.32 -17.32
C ALA D 72 6.67 -18.53 -18.14
N THR D 73 5.43 -18.43 -18.67
CA THR D 73 4.77 -19.45 -19.49
C THR D 73 5.26 -19.46 -20.96
N GLY D 74 6.38 -18.77 -21.22
CA GLY D 74 7.03 -18.71 -22.53
C GLY D 74 6.22 -18.07 -23.63
N MET D 75 5.49 -16.98 -23.30
CA MET D 75 4.68 -16.18 -24.23
C MET D 75 4.40 -14.78 -23.66
N PRO D 76 4.23 -13.72 -24.50
CA PRO D 76 3.96 -12.38 -23.94
C PRO D 76 2.78 -12.34 -22.97
N THR D 77 2.92 -11.62 -21.85
CA THR D 77 1.90 -11.48 -20.80
C THR D 77 0.49 -11.19 -21.37
N ILE D 78 0.43 -10.38 -22.43
CA ILE D 78 -0.79 -10.01 -23.15
C ILE D 78 -1.44 -11.25 -23.78
N ASP D 79 -0.63 -12.16 -24.39
CA ASP D 79 -1.11 -13.40 -24.99
C ASP D 79 -1.64 -14.33 -23.90
N VAL D 80 -1.04 -14.31 -22.70
CA VAL D 80 -1.46 -15.11 -21.54
C VAL D 80 -2.87 -14.66 -21.14
N VAL D 81 -3.06 -13.32 -21.00
CA VAL D 81 -4.31 -12.65 -20.64
C VAL D 81 -5.39 -13.03 -21.65
N MET D 82 -5.08 -12.88 -22.95
CA MET D 82 -5.99 -13.13 -24.08
C MET D 82 -6.25 -14.59 -24.45
N THR D 83 -5.39 -15.54 -24.04
CA THR D 83 -5.56 -16.95 -24.46
C THR D 83 -5.79 -18.00 -23.37
N GLN D 84 -5.34 -17.73 -22.14
CA GLN D 84 -5.49 -18.70 -21.04
C GLN D 84 -6.75 -18.43 -20.21
N LEU D 85 -7.56 -19.49 -19.94
CA LEU D 85 -8.78 -19.38 -19.13
C LEU D 85 -8.53 -19.82 -17.69
N HIS D 103 -6.47 -12.10 -12.17
CA HIS D 103 -7.53 -12.17 -11.15
C HIS D 103 -8.66 -11.17 -11.47
N GLY D 104 -9.86 -11.70 -11.72
CA GLY D 104 -11.02 -10.94 -12.14
C GLY D 104 -10.93 -10.46 -13.58
N VAL D 105 -9.93 -11.00 -14.35
CA VAL D 105 -9.67 -10.70 -15.77
C VAL D 105 -10.09 -11.93 -16.59
N GLY D 106 -11.13 -11.76 -17.43
CA GLY D 106 -11.72 -12.81 -18.27
C GLY D 106 -11.89 -12.38 -19.74
N VAL D 107 -11.03 -11.45 -20.19
CA VAL D 107 -11.02 -10.95 -21.57
C VAL D 107 -10.73 -12.10 -22.63
N SER D 108 -10.15 -13.25 -22.19
CA SER D 108 -9.89 -14.41 -23.05
C SER D 108 -11.22 -15.02 -23.60
N VAL D 109 -12.33 -14.80 -22.89
CA VAL D 109 -13.68 -15.24 -23.25
C VAL D 109 -14.16 -14.38 -24.41
N VAL D 110 -13.81 -13.11 -24.38
CA VAL D 110 -14.19 -12.21 -25.46
C VAL D 110 -13.41 -12.65 -26.72
N ASN D 111 -12.11 -12.86 -26.54
CA ASN D 111 -11.27 -13.34 -27.59
C ASN D 111 -11.80 -14.61 -28.23
N ALA D 112 -12.14 -15.63 -27.40
CA ALA D 112 -12.67 -16.93 -27.78
C ALA D 112 -13.97 -16.80 -28.58
N LEU D 113 -14.78 -15.80 -28.27
CA LEU D 113 -16.09 -15.56 -28.90
C LEU D 113 -16.11 -14.48 -29.96
N SER D 114 -14.89 -14.09 -30.42
CA SER D 114 -14.66 -13.07 -31.43
C SER D 114 -13.81 -13.62 -32.59
N THR D 115 -14.26 -13.33 -33.83
CA THR D 115 -13.60 -13.75 -35.07
C THR D 115 -12.24 -13.07 -35.20
N ARG D 116 -12.12 -11.90 -34.53
CA ARG D 116 -10.96 -11.03 -34.50
C ARG D 116 -11.01 -10.16 -33.24
N LEU D 117 -9.82 -9.85 -32.71
CA LEU D 117 -9.57 -8.99 -31.55
C LEU D 117 -8.26 -8.31 -31.79
N GLU D 118 -8.24 -6.99 -31.58
CA GLU D 118 -7.04 -6.18 -31.69
C GLU D 118 -6.73 -5.53 -30.37
N ALA D 119 -5.50 -5.70 -29.88
CA ALA D 119 -5.05 -5.06 -28.64
C ALA D 119 -3.96 -4.04 -28.97
N THR D 120 -4.20 -2.77 -28.58
CA THR D 120 -3.20 -1.72 -28.75
C THR D 120 -2.84 -1.29 -27.34
N VAL D 121 -1.57 -1.45 -26.95
CA VAL D 121 -1.11 -1.16 -25.60
C VAL D 121 0.02 -0.13 -25.64
N LEU D 122 -0.11 0.89 -24.78
CA LEU D 122 0.82 2.01 -24.65
C LEU D 122 1.54 1.85 -23.32
N ARG D 123 2.81 1.43 -23.36
CA ARG D 123 3.68 1.26 -22.17
C ARG D 123 5.14 1.03 -22.55
N ASP D 124 6.06 1.26 -21.59
CA ASP D 124 7.50 1.09 -21.73
C ASP D 124 8.13 1.97 -22.84
N GLY D 125 7.59 3.19 -22.95
CA GLY D 125 7.99 4.24 -23.87
C GLY D 125 7.58 4.07 -25.32
N TYR D 126 6.77 3.03 -25.63
CA TYR D 126 6.35 2.71 -27.00
C TYR D 126 4.89 2.27 -27.12
N GLU D 127 4.37 2.25 -28.36
CA GLU D 127 3.03 1.78 -28.72
C GLU D 127 3.21 0.33 -29.18
N TRP D 128 2.34 -0.59 -28.70
CA TRP D 128 2.41 -2.03 -28.99
C TRP D 128 1.15 -2.52 -29.66
N PHE D 129 1.31 -3.38 -30.70
CA PHE D 129 0.18 -3.93 -31.44
C PHE D 129 0.12 -5.44 -31.39
N GLN D 130 -1.03 -5.98 -31.01
CA GLN D 130 -1.26 -7.41 -30.89
C GLN D 130 -2.68 -7.80 -31.29
N TYR D 131 -2.80 -8.50 -32.39
CA TYR D 131 -4.08 -8.96 -32.93
C TYR D 131 -4.22 -10.49 -32.83
N TYR D 132 -5.46 -10.98 -32.89
CA TYR D 132 -5.81 -12.39 -32.76
C TYR D 132 -6.81 -12.77 -33.86
N ASP D 133 -6.55 -13.87 -34.56
CA ASP D 133 -7.43 -14.34 -35.60
C ASP D 133 -8.09 -15.56 -35.03
N ARG D 134 -9.40 -15.45 -34.70
CA ARG D 134 -10.17 -16.53 -34.08
C ARG D 134 -9.38 -17.02 -32.87
N SER D 135 -8.91 -16.04 -32.05
CA SER D 135 -8.14 -16.21 -30.80
C SER D 135 -6.66 -16.57 -30.98
N VAL D 136 -6.23 -16.82 -32.23
CA VAL D 136 -4.85 -17.17 -32.53
C VAL D 136 -3.99 -15.91 -32.68
N PRO D 137 -2.96 -15.76 -31.82
CA PRO D 137 -2.14 -14.54 -31.88
C PRO D 137 -1.29 -14.38 -33.10
N GLY D 138 -1.05 -13.13 -33.47
CA GLY D 138 -0.13 -12.80 -34.53
C GLY D 138 1.19 -12.46 -33.88
N LYS D 139 1.99 -11.64 -34.53
CA LYS D 139 3.25 -11.20 -33.94
C LYS D 139 2.96 -9.95 -33.10
N LEU D 140 3.79 -9.67 -32.09
CA LEU D 140 3.61 -8.45 -31.29
C LEU D 140 4.46 -7.36 -31.98
N LYS D 141 3.80 -6.43 -32.67
CA LYS D 141 4.48 -5.37 -33.40
C LYS D 141 4.68 -4.12 -32.55
N GLN D 142 5.94 -3.80 -32.24
CA GLN D 142 6.33 -2.62 -31.48
C GLN D 142 6.37 -1.45 -32.46
N GLY D 143 5.60 -0.42 -32.12
CA GLY D 143 5.45 0.78 -32.93
C GLY D 143 6.07 2.02 -32.34
N GLY D 144 5.65 3.17 -32.86
CA GLY D 144 6.12 4.49 -32.49
C GLY D 144 6.17 4.78 -31.00
N GLU D 145 7.16 5.60 -30.58
CA GLU D 145 7.44 5.99 -29.20
C GLU D 145 6.35 6.87 -28.62
N THR D 146 5.98 6.61 -27.37
CA THR D 146 4.96 7.38 -26.66
C THR D 146 5.15 7.42 -25.16
N LYS D 147 4.96 8.61 -24.58
CA LYS D 147 5.04 8.84 -23.13
C LYS D 147 3.74 8.37 -22.48
N GLU D 148 2.63 8.36 -23.25
CA GLU D 148 1.29 7.96 -22.83
C GLU D 148 1.21 6.46 -22.45
N THR D 149 0.19 6.10 -21.63
CA THR D 149 -0.13 4.75 -21.16
C THR D 149 -1.61 4.44 -21.40
N GLY D 150 -1.93 3.15 -21.53
CA GLY D 150 -3.30 2.69 -21.75
C GLY D 150 -3.48 1.39 -22.50
N THR D 151 -4.71 0.88 -22.49
CA THR D 151 -5.08 -0.36 -23.19
C THR D 151 -6.25 -0.07 -24.12
N THR D 152 -6.10 -0.48 -25.38
CA THR D 152 -7.16 -0.40 -26.39
C THR D 152 -7.52 -1.82 -26.78
N ILE D 153 -8.82 -2.15 -26.77
CA ILE D 153 -9.32 -3.47 -27.17
C ILE D 153 -10.43 -3.27 -28.17
N ARG D 154 -10.26 -3.88 -29.35
CA ARG D 154 -11.27 -3.86 -30.41
C ARG D 154 -11.60 -5.32 -30.73
N PHE D 155 -12.87 -5.69 -30.63
CA PHE D 155 -13.27 -7.06 -30.88
C PHE D 155 -14.47 -7.15 -31.80
N TRP D 156 -14.49 -8.22 -32.62
CA TRP D 156 -15.56 -8.52 -33.57
C TRP D 156 -16.26 -9.78 -33.07
N ALA D 157 -17.42 -9.62 -32.44
CA ALA D 157 -18.20 -10.75 -31.89
C ALA D 157 -18.54 -11.72 -33.02
N ASP D 158 -18.49 -13.06 -32.73
CA ASP D 158 -18.70 -14.11 -33.71
C ASP D 158 -20.18 -14.34 -34.13
N PRO D 159 -20.55 -14.07 -35.41
CA PRO D 159 -21.96 -14.27 -35.83
C PRO D 159 -22.44 -15.70 -35.80
N GLU D 160 -21.52 -16.69 -35.83
CA GLU D 160 -21.87 -18.10 -35.75
C GLU D 160 -22.31 -18.43 -34.31
N ILE D 161 -21.64 -17.85 -33.30
CA ILE D 161 -21.95 -18.06 -31.88
C ILE D 161 -23.21 -17.27 -31.49
N PHE D 162 -23.20 -15.95 -31.77
CA PHE D 162 -24.26 -15.02 -31.38
C PHE D 162 -25.50 -14.96 -32.26
N GLU D 163 -26.68 -15.11 -31.60
CA GLU D 163 -28.05 -15.04 -32.16
C GLU D 163 -28.20 -13.71 -32.92
N THR D 164 -27.55 -12.66 -32.39
CA THR D 164 -27.49 -11.31 -32.95
C THR D 164 -26.16 -10.63 -32.64
N THR D 165 -25.64 -9.87 -33.61
CA THR D 165 -24.38 -9.14 -33.43
C THR D 165 -24.60 -7.61 -33.52
N ASP D 166 -25.89 -7.18 -33.40
CA ASP D 166 -26.29 -5.77 -33.46
C ASP D 166 -26.45 -5.22 -32.03
N TYR D 167 -25.54 -4.33 -31.64
CA TYR D 167 -25.57 -3.71 -30.30
C TYR D 167 -26.61 -2.66 -30.21
N ASN D 168 -27.25 -2.56 -29.05
CA ASN D 168 -28.26 -1.55 -28.77
C ASN D 168 -27.58 -0.40 -28.03
N PHE D 169 -27.61 0.79 -28.64
CA PHE D 169 -27.05 2.00 -28.05
C PHE D 169 -27.63 2.29 -26.65
N GLU D 170 -28.98 2.29 -26.51
CA GLU D 170 -29.64 2.56 -25.22
C GLU D 170 -29.19 1.63 -24.09
N THR D 171 -28.97 0.35 -24.41
CA THR D 171 -28.52 -0.71 -23.47
C THR D 171 -27.11 -0.38 -22.95
N VAL D 172 -26.16 -0.12 -23.87
CA VAL D 172 -24.79 0.25 -23.54
C VAL D 172 -24.73 1.55 -22.70
N ALA D 173 -25.56 2.57 -23.08
CA ALA D 173 -25.65 3.85 -22.39
C ALA D 173 -26.12 3.70 -20.95
N ARG D 174 -27.24 3.00 -20.74
CA ARG D 174 -27.78 2.82 -19.39
C ARG D 174 -26.76 2.14 -18.50
N ARG D 175 -26.07 1.13 -19.01
CA ARG D 175 -25.06 0.39 -18.25
C ARG D 175 -23.79 1.16 -17.95
N LEU D 176 -23.29 1.89 -18.93
CA LEU D 176 -22.12 2.74 -18.80
C LEU D 176 -22.43 3.91 -17.89
N GLN D 177 -23.69 4.39 -17.88
CA GLN D 177 -24.11 5.43 -16.93
C GLN D 177 -24.07 4.90 -15.50
N GLU D 178 -24.62 3.67 -15.26
CA GLU D 178 -24.62 3.01 -13.95
C GLU D 178 -23.19 2.89 -13.44
N MET D 179 -22.25 2.44 -14.31
CA MET D 179 -20.83 2.24 -13.99
C MET D 179 -20.16 3.51 -13.53
N ALA D 180 -20.57 4.63 -14.14
CA ALA D 180 -20.12 5.99 -13.83
C ALA D 180 -20.70 6.45 -12.48
N PHE D 181 -21.91 5.98 -12.12
CA PHE D 181 -22.54 6.27 -10.80
C PHE D 181 -21.90 5.45 -9.69
N LEU D 182 -21.48 4.23 -10.01
CA LEU D 182 -20.88 3.28 -9.06
C LEU D 182 -19.41 3.59 -8.79
N ASN D 183 -18.79 4.30 -9.71
CA ASN D 183 -17.38 4.68 -9.66
C ASN D 183 -17.28 6.20 -9.88
N LYS D 184 -17.86 6.96 -8.96
CA LYS D 184 -17.94 8.43 -9.01
C LYS D 184 -16.57 9.06 -9.22
N GLY D 185 -16.47 9.93 -10.24
CA GLY D 185 -15.21 10.57 -10.62
C GLY D 185 -14.58 9.99 -11.87
N LEU D 186 -14.98 8.77 -12.28
CA LEU D 186 -14.48 8.13 -13.49
C LEU D 186 -15.26 8.70 -14.65
N THR D 187 -14.60 8.94 -15.79
CA THR D 187 -15.27 9.44 -16.96
C THR D 187 -15.48 8.27 -17.90
N ILE D 188 -16.72 8.10 -18.38
CA ILE D 188 -17.00 7.06 -19.37
C ILE D 188 -17.63 7.73 -20.57
N GLU D 189 -16.97 7.62 -21.71
CA GLU D 189 -17.47 8.21 -22.93
C GLU D 189 -17.93 7.10 -23.88
N LEU D 190 -19.09 7.33 -24.52
CA LEU D 190 -19.69 6.40 -25.47
C LEU D 190 -19.98 7.10 -26.80
N THR D 191 -19.55 6.48 -27.90
CA THR D 191 -19.82 6.96 -29.25
C THR D 191 -20.32 5.80 -30.08
N ASP D 192 -21.46 6.01 -30.76
CA ASP D 192 -22.03 5.02 -31.65
C ASP D 192 -21.78 5.56 -33.02
N GLU D 193 -20.84 4.94 -33.75
CA GLU D 193 -20.49 5.40 -35.08
C GLU D 193 -21.54 5.06 -36.16
N ARG D 194 -22.61 4.29 -35.84
CA ARG D 194 -23.63 3.91 -36.82
C ARG D 194 -24.66 4.99 -37.17
N ASP D 195 -25.08 5.83 -36.20
CA ASP D 195 -26.10 6.88 -36.44
C ASP D 195 -25.55 8.28 -36.59
N GLY D 196 -23.18 8.52 -35.01
CA GLY D 196 -22.77 9.80 -34.45
C GLY D 196 -23.40 10.13 -33.12
N LYS D 197 -24.14 9.16 -32.50
CA LYS D 197 -24.75 9.36 -31.17
C LYS D 197 -23.59 9.36 -30.18
N HIS D 198 -23.64 10.25 -29.19
CA HIS D 198 -22.54 10.47 -28.26
C HIS D 198 -23.04 10.79 -26.88
N ARG D 199 -22.36 10.22 -25.87
CA ARG D 199 -22.69 10.37 -24.47
C ARG D 199 -21.43 10.49 -23.61
N VAL D 200 -21.48 11.33 -22.56
CA VAL D 200 -20.39 11.51 -21.59
C VAL D 200 -20.98 11.32 -20.20
N PHE D 201 -20.43 10.38 -19.43
CA PHE D 201 -20.89 10.05 -18.10
C PHE D 201 -19.74 10.25 -17.12
N HIS D 202 -19.87 11.30 -16.30
CA HIS D 202 -18.93 11.69 -15.28
C HIS D 202 -19.72 12.40 -14.15
N TYR D 203 -19.69 11.83 -12.95
CA TYR D 203 -20.43 12.34 -11.79
C TYR D 203 -19.57 12.61 -10.53
N PRO D 204 -19.88 13.72 -9.79
CA PRO D 204 -19.19 14.04 -8.51
C PRO D 204 -18.16 13.14 -7.83
N GLY D 205 -16.89 13.39 -8.18
CA GLY D 205 -15.73 12.68 -7.62
C GLY D 205 -14.41 13.35 -7.93
#